data_1SGS
# 
_entry.id   1SGS 
# 
_audit_conform.dict_name       mmcif_pdbx.dic 
_audit_conform.dict_version    5.376 
_audit_conform.dict_location   http://mmcif.pdb.org/dictionaries/ascii/mmcif_pdbx.dic 
# 
loop_
_database_2.database_id 
_database_2.database_code 
_database_2.pdbx_database_accession 
_database_2.pdbx_DOI 
PDB   1SGS         pdb_00001sgs 10.2210/pdb1sgs/pdb 
NDB   BD0070       ?            ?                   
RCSB  RCSB021694   ?            ?                   
WWPDB D_1000021694 ?            ?                   
# 
_pdbx_database_status.status_code                     REL 
_pdbx_database_status.entry_id                        1SGS 
_pdbx_database_status.recvd_initial_deposition_date   2004-02-24 
_pdbx_database_status.deposit_site                    RCSB 
_pdbx_database_status.process_site                    RCSB 
_pdbx_database_status.status_code_sf                  ? 
_pdbx_database_status.status_code_mr                  ? 
_pdbx_database_status.SG_entry                        ? 
_pdbx_database_status.pdb_format_compatible           Y 
_pdbx_database_status.status_code_cs                  ? 
_pdbx_database_status.status_code_nmr_data            ? 
_pdbx_database_status.methods_development_category    ? 
# 
loop_
_audit_author.name 
_audit_author.pdbx_ordinal 
'Huang, D.B.'  1 
'Phelps, C.B.' 2 
'Fusco, A.J.'  3 
'Ghosh, G.'    4 
# 
_citation.id                        primary 
_citation.title                     
'Crystal structure of a free kappaB DNA: insights into DNA recognition by transcription factor NF-kappaB.' 
_citation.journal_abbrev            J.Mol.Biol. 
_citation.journal_volume            346 
_citation.page_first                147 
_citation.page_last                 160 
_citation.year                      2005 
_citation.journal_id_ASTM           JMOBAK 
_citation.country                   UK 
_citation.journal_id_ISSN           0022-2836 
_citation.journal_id_CSD            0070 
_citation.book_publisher            ? 
_citation.pdbx_database_id_PubMed   15663934 
_citation.pdbx_database_id_DOI      10.1016/j.jmb.2004.11.042 
# 
loop_
_citation_author.citation_id 
_citation_author.name 
_citation_author.ordinal 
_citation_author.identifier_ORCID 
primary 'Huang, D.B.'  1 ? 
primary 'Phelps, C.B.' 2 ? 
primary 'Fusco, A.J.'  3 ? 
primary 'Ghosh, G.'    4 ? 
# 
_cell.entry_id           1SGS 
_cell.length_a           38.916 
_cell.length_b           38.916 
_cell.length_c           158.910 
_cell.angle_alpha        90.00 
_cell.angle_beta         90.00 
_cell.angle_gamma        120.00 
_cell.Z_PDB              18 
_cell.pdbx_unique_axis   ? 
# 
_symmetry.entry_id                         1SGS 
_symmetry.space_group_name_H-M             'H 3 2' 
_symmetry.pdbx_full_space_group_name_H-M   ? 
_symmetry.cell_setting                     ? 
_symmetry.Int_Tables_number                155 
_symmetry.space_group_name_Hall            ? 
# 
loop_
_entity.id 
_entity.type 
_entity.src_method 
_entity.pdbx_description 
_entity.formula_weight 
_entity.pdbx_number_of_molecules 
_entity.pdbx_ec 
_entity.pdbx_mutation 
_entity.pdbx_fragment 
_entity.details 
1 polymer     syn 'kB DNA'      5187.373 1   ? ? ? ? 
2 non-polymer syn 'CALCIUM ION' 40.078   6   ? ? ? ? 
3 water       nat water         18.015   107 ? ? ? ? 
# 
_entity_poly.entity_id                      1 
_entity_poly.type                           polydeoxyribonucleotide 
_entity_poly.nstd_linkage                   no 
_entity_poly.nstd_monomer                   no 
_entity_poly.pdbx_seq_one_letter_code       '(DC)(DG)(DC)(DT)(DG)(DG)(DA)(DA)(DA)(DT)(DT)(DT)(DC)(DC)(DA)(DG)(DC)' 
_entity_poly.pdbx_seq_one_letter_code_can   CGCTGGAAATTTCCAGC 
_entity_poly.pdbx_strand_id                 A 
_entity_poly.pdbx_target_identifier         ? 
# 
loop_
_entity_poly_seq.entity_id 
_entity_poly_seq.num 
_entity_poly_seq.mon_id 
_entity_poly_seq.hetero 
1 1  DC n 
1 2  DG n 
1 3  DC n 
1 4  DT n 
1 5  DG n 
1 6  DG n 
1 7  DA n 
1 8  DA n 
1 9  DA n 
1 10 DT n 
1 11 DT n 
1 12 DT n 
1 13 DC n 
1 14 DC n 
1 15 DA n 
1 16 DG n 
1 17 DC n 
# 
_pdbx_entity_src_syn.entity_id              1 
_pdbx_entity_src_syn.pdbx_src_id            1 
_pdbx_entity_src_syn.pdbx_alt_source_flag   sample 
_pdbx_entity_src_syn.pdbx_beg_seq_num       ? 
_pdbx_entity_src_syn.pdbx_end_seq_num       ? 
_pdbx_entity_src_syn.organism_scientific    ? 
_pdbx_entity_src_syn.organism_common_name   ? 
_pdbx_entity_src_syn.ncbi_taxonomy_id       ? 
_pdbx_entity_src_syn.details                
'The protein was chemically synthesized. The sequence of the protein naturally occurs in Homo sapiens (human).' 
# 
_struct_ref.id                         1 
_struct_ref.entity_id                  1 
_struct_ref.db_name                    PDB 
_struct_ref.db_code                    1SGS 
_struct_ref.pdbx_db_accession          1SGS 
_struct_ref.pdbx_db_isoform            ? 
_struct_ref.pdbx_seq_one_letter_code   ? 
_struct_ref.pdbx_align_begin           ? 
# 
_struct_ref_seq.align_id                      1 
_struct_ref_seq.ref_id                        1 
_struct_ref_seq.pdbx_PDB_id_code              1SGS 
_struct_ref_seq.pdbx_strand_id                A 
_struct_ref_seq.seq_align_beg                 1 
_struct_ref_seq.pdbx_seq_align_beg_ins_code   ? 
_struct_ref_seq.seq_align_end                 17 
_struct_ref_seq.pdbx_seq_align_end_ins_code   ? 
_struct_ref_seq.pdbx_db_accession             1SGS 
_struct_ref_seq.db_align_beg                  1 
_struct_ref_seq.pdbx_db_align_beg_ins_code    ? 
_struct_ref_seq.db_align_end                  17 
_struct_ref_seq.pdbx_db_align_end_ins_code    ? 
_struct_ref_seq.pdbx_auth_seq_align_beg       1 
_struct_ref_seq.pdbx_auth_seq_align_end       17 
# 
loop_
_chem_comp.id 
_chem_comp.type 
_chem_comp.mon_nstd_flag 
_chem_comp.name 
_chem_comp.pdbx_synonyms 
_chem_comp.formula 
_chem_comp.formula_weight 
CA  non-polymer   . 'CALCIUM ION'                        ? 'Ca 2'            40.078  
DA  'DNA linking' y "2'-DEOXYADENOSINE-5'-MONOPHOSPHATE" ? 'C10 H14 N5 O6 P' 331.222 
DC  'DNA linking' y "2'-DEOXYCYTIDINE-5'-MONOPHOSPHATE"  ? 'C9 H14 N3 O7 P'  307.197 
DG  'DNA linking' y "2'-DEOXYGUANOSINE-5'-MONOPHOSPHATE" ? 'C10 H14 N5 O7 P' 347.221 
DT  'DNA linking' y "THYMIDINE-5'-MONOPHOSPHATE"         ? 'C10 H15 N2 O8 P' 322.208 
HOH non-polymer   . WATER                                ? 'H2 O'            18.015  
# 
_exptl.entry_id          1SGS 
_exptl.method            'X-RAY DIFFRACTION' 
_exptl.crystals_number   1 
# 
_exptl_crystal.id                    1 
_exptl_crystal.density_meas          ? 
_exptl_crystal.density_percent_sol   44.90 
_exptl_crystal.description           ? 
_exptl_crystal.density_Matthews      2.23 
_exptl_crystal.F_000                 ? 
_exptl_crystal.preparation           ? 
# 
_exptl_crystal_grow.crystal_id      1 
_exptl_crystal_grow.method          'VAPOR DIFFUSION, HANGING DROP' 
_exptl_crystal_grow.temp            291 
_exptl_crystal_grow.temp_details    ? 
_exptl_crystal_grow.pH              7.5 
_exptl_crystal_grow.pdbx_details    'PEG 3350, BOG, CaCl2, pH 7.5, VAPOR DIFFUSION, HANGING DROP, temperature 291K' 
_exptl_crystal_grow.pdbx_pH_range   . 
# 
_diffrn.id                     1 
_diffrn.ambient_temp           105 
_diffrn.ambient_temp_details   ? 
_diffrn.crystal_id             1 
# 
_diffrn_detector.diffrn_id              1 
_diffrn_detector.detector               'AREA DETECTOR' 
_diffrn_detector.type                   MARRESEARCH 
_diffrn_detector.pdbx_collection_date   2003-07-01 
_diffrn_detector.details                mirrors 
# 
_diffrn_radiation.diffrn_id                        1 
_diffrn_radiation.wavelength_id                    1 
_diffrn_radiation.pdbx_monochromatic_or_laue_m_l   M 
_diffrn_radiation.monochromator                    'osmic mirror' 
_diffrn_radiation.pdbx_diffrn_protocol             'SINGLE WAVELENGTH' 
_diffrn_radiation.pdbx_scattering_type             x-ray 
# 
_diffrn_radiation_wavelength.id           1 
_diffrn_radiation_wavelength.wavelength   1.5418 
_diffrn_radiation_wavelength.wt           1.0 
# 
_diffrn_source.diffrn_id                   1 
_diffrn_source.source                      'ROTATING ANODE' 
_diffrn_source.type                        'RIGAKU RU200' 
_diffrn_source.pdbx_synchrotron_site       ? 
_diffrn_source.pdbx_synchrotron_beamline   ? 
_diffrn_source.pdbx_wavelength             ? 
_diffrn_source.pdbx_wavelength_list        1.5418 
# 
_reflns.entry_id                     1SGS 
_reflns.observed_criterion_sigma_I   0 
_reflns.observed_criterion_sigma_F   0 
_reflns.d_resolution_low             30 
_reflns.d_resolution_high            1.60 
_reflns.number_obs                   6341 
_reflns.number_all                   6411 
_reflns.percent_possible_obs         98.8 
_reflns.pdbx_Rmerge_I_obs            0.39 
_reflns.pdbx_Rsym_value              ? 
_reflns.pdbx_netI_over_sigmaI        29.4 
_reflns.B_iso_Wilson_estimate        16.5 
_reflns.pdbx_redundancy              37 
_reflns.R_free_details               ? 
_reflns.pdbx_chi_squared             ? 
_reflns.pdbx_scaling_rejects         ? 
_reflns.pdbx_diffrn_id               1 
_reflns.pdbx_ordinal                 1 
# 
_reflns_shell.d_res_high             1.60 
_reflns_shell.d_res_low              1.66 
_reflns_shell.percent_possible_all   91.3 
_reflns_shell.Rmerge_I_obs           0.26 
_reflns_shell.pdbx_Rsym_value        ? 
_reflns_shell.meanI_over_sigI_obs    12.0 
_reflns_shell.pdbx_redundancy        ? 
_reflns_shell.percent_possible_obs   ? 
_reflns_shell.number_unique_all      ? 
_reflns_shell.number_measured_all    ? 
_reflns_shell.number_measured_obs    ? 
_reflns_shell.number_unique_obs      ? 
_reflns_shell.pdbx_chi_squared       ? 
_reflns_shell.pdbx_diffrn_id         ? 
_reflns_shell.pdbx_ordinal           1 
# 
_refine.entry_id                                 1SGS 
_refine.ls_number_reflns_obs                     6341 
_refine.ls_number_reflns_all                     6341 
_refine.pdbx_ls_sigma_I                          ? 
_refine.pdbx_ls_sigma_F                          0.0 
_refine.pdbx_data_cutoff_high_absF               1003948.67 
_refine.pdbx_data_cutoff_low_absF                0.000000 
_refine.pdbx_data_cutoff_high_rms_absF           ? 
_refine.ls_d_res_low                             14.37 
_refine.ls_d_res_high                            1.60 
_refine.ls_percent_reflns_obs                    98.5 
_refine.ls_R_factor_obs                          0.207 
_refine.ls_R_factor_all                          ? 
_refine.ls_R_factor_R_work                       0.207 
_refine.ls_R_factor_R_free                       0.218 
_refine.ls_R_factor_R_free_error                 0.009 
_refine.ls_R_factor_R_free_error_details         ? 
_refine.ls_percent_reflns_R_free                 9.7 
_refine.ls_number_reflns_R_free                  612 
_refine.ls_number_parameters                     ? 
_refine.ls_number_restraints                     ? 
_refine.occupancy_min                            ? 
_refine.occupancy_max                            ? 
_refine.correlation_coeff_Fo_to_Fc               ? 
_refine.correlation_coeff_Fo_to_Fc_free          ? 
_refine.B_iso_mean                               24.9 
_refine.aniso_B[1][1]                            1.59 
_refine.aniso_B[2][2]                            1.59 
_refine.aniso_B[3][3]                            -3.19 
_refine.aniso_B[1][2]                            -0.07 
_refine.aniso_B[1][3]                            0.00 
_refine.aniso_B[2][3]                            0.00 
_refine.solvent_model_details                    'FLAT MODEL' 
_refine.solvent_model_param_ksol                 0.380301 
_refine.solvent_model_param_bsol                 43.4827 
_refine.pdbx_solvent_vdw_probe_radii             ? 
_refine.pdbx_solvent_ion_probe_radii             ? 
_refine.pdbx_solvent_shrinkage_radii             ? 
_refine.pdbx_ls_cross_valid_method               THROUGHOUT 
_refine.details                                  ? 
_refine.pdbx_starting_model                      'PDB entry 1RAM' 
_refine.pdbx_method_to_determine_struct          'MOLECULAR REPLACEMENT' 
_refine.pdbx_isotropic_thermal_model             RESTRAINED 
_refine.pdbx_stereochemistry_target_values       ? 
_refine.pdbx_stereochem_target_val_spec_case     ? 
_refine.pdbx_R_Free_selection_details            RANDOM 
_refine.pdbx_overall_ESU_R                       ? 
_refine.pdbx_overall_ESU_R_Free                  ? 
_refine.overall_SU_ML                            ? 
_refine.overall_SU_B                             ? 
_refine.ls_redundancy_reflns_obs                 ? 
_refine.overall_SU_R_Cruickshank_DPI             ? 
_refine.overall_SU_R_free                        ? 
_refine.ls_wR_factor_R_free                      ? 
_refine.ls_wR_factor_R_work                      ? 
_refine.overall_FOM_free_R_set                   ? 
_refine.overall_FOM_work_R_set                   ? 
_refine.pdbx_refine_id                           'X-RAY DIFFRACTION' 
_refine.pdbx_diffrn_id                           1 
_refine.pdbx_TLS_residual_ADP_flag               ? 
_refine.pdbx_overall_phase_error                 ? 
_refine.pdbx_overall_SU_R_free_Cruickshank_DPI   ? 
_refine.pdbx_overall_SU_R_Blow_DPI               ? 
_refine.pdbx_overall_SU_R_free_Blow_DPI          ? 
# 
_refine_analyze.entry_id                        1SGS 
_refine_analyze.Luzzati_coordinate_error_obs    0.20 
_refine_analyze.Luzzati_sigma_a_obs             0.09 
_refine_analyze.Luzzati_d_res_low_obs           5.00 
_refine_analyze.Luzzati_coordinate_error_free   0.22 
_refine_analyze.Luzzati_sigma_a_free            0.09 
_refine_analyze.Luzzati_d_res_low_free          ? 
_refine_analyze.number_disordered_residues      ? 
_refine_analyze.occupancy_sum_hydrogen          ? 
_refine_analyze.occupancy_sum_non_hydrogen      ? 
_refine_analyze.pdbx_refine_id                  'X-RAY DIFFRACTION' 
# 
_refine_hist.pdbx_refine_id                   'X-RAY DIFFRACTION' 
_refine_hist.cycle_id                         LAST 
_refine_hist.pdbx_number_atoms_protein        0 
_refine_hist.pdbx_number_atoms_nucleic_acid   344 
_refine_hist.pdbx_number_atoms_ligand         6 
_refine_hist.number_atoms_solvent             107 
_refine_hist.number_atoms_total               457 
_refine_hist.d_res_high                       1.60 
_refine_hist.d_res_low                        14.37 
# 
loop_
_refine_ls_restr.type 
_refine_ls_restr.dev_ideal 
_refine_ls_restr.dev_ideal_target 
_refine_ls_restr.weight 
_refine_ls_restr.number 
_refine_ls_restr.pdbx_refine_id 
_refine_ls_restr.pdbx_restraint_function 
c_bond_d           0.008 ? ? ? 'X-RAY DIFFRACTION' ? 
c_angle_deg        1.5   ? ? ? 'X-RAY DIFFRACTION' ? 
c_dihedral_angle_d 20.4  ? ? ? 'X-RAY DIFFRACTION' ? 
c_improper_angle_d 1.75  ? ? ? 'X-RAY DIFFRACTION' ? 
# 
_refine_ls_shell.pdbx_total_number_of_bins_used   6 
_refine_ls_shell.d_res_high                       1.60 
_refine_ls_shell.d_res_low                        1.70 
_refine_ls_shell.number_reflns_R_work             880 
_refine_ls_shell.R_factor_R_work                  0.333 
_refine_ls_shell.percent_reflns_obs               91.9 
_refine_ls_shell.R_factor_R_free                  0.359 
_refine_ls_shell.R_factor_R_free_error            0.039 
_refine_ls_shell.percent_reflns_R_free            9.0 
_refine_ls_shell.number_reflns_R_free             87 
_refine_ls_shell.redundancy_reflns_obs            ? 
_refine_ls_shell.pdbx_refine_id                   'X-RAY DIFFRACTION' 
_refine_ls_shell.number_reflns_all                ? 
_refine_ls_shell.R_factor_all                     ? 
# 
loop_
_pdbx_xplor_file.serial_no 
_pdbx_xplor_file.param_file 
_pdbx_xplor_file.topol_file 
_pdbx_xplor_file.pdbx_refine_id 
1 PROTEIN_REP.PARAM PROTEIN.TOP 'X-RAY DIFFRACTION' 
2 DNA-RNA_REP.PARAM DNA-RNA.TOP 'X-RAY DIFFRACTION' 
3 WATER_REP.PARAM   WATER.TOP   'X-RAY DIFFRACTION' 
4 ION.PARAM         ION.TOP     'X-RAY DIFFRACTION' 
# 
_struct.entry_id                  1SGS 
_struct.title                     'Crystal structure of a free kB DNA' 
_struct.pdbx_model_details        ? 
_struct.pdbx_CASP_flag            ? 
_struct.pdbx_model_type_details   ? 
# 
_struct_keywords.entry_id        1SGS 
_struct_keywords.pdbx_keywords   DNA 
_struct_keywords.text            'free kB DNA, Calcium binding, NF-kB binding, DNA' 
# 
loop_
_struct_asym.id 
_struct_asym.pdbx_blank_PDB_chainid_flag 
_struct_asym.pdbx_modified 
_struct_asym.entity_id 
_struct_asym.details 
A N N 1 ? 
B N N 2 ? 
C N N 2 ? 
D N N 2 ? 
E N N 2 ? 
F N N 2 ? 
G N N 2 ? 
H N N 3 ? 
# 
_struct_biol.id                    1 
_struct_biol.details               
;The second part of the biological assembly is generated 
by a two fold axis in R32 space group
;
_struct_biol.pdbx_parent_biol_id   ? 
# 
loop_
_struct_conn.id 
_struct_conn.conn_type_id 
_struct_conn.pdbx_leaving_atom_flag 
_struct_conn.pdbx_PDB_id 
_struct_conn.ptnr1_label_asym_id 
_struct_conn.ptnr1_label_comp_id 
_struct_conn.ptnr1_label_seq_id 
_struct_conn.ptnr1_label_atom_id 
_struct_conn.pdbx_ptnr1_label_alt_id 
_struct_conn.pdbx_ptnr1_PDB_ins_code 
_struct_conn.pdbx_ptnr1_standard_comp_id 
_struct_conn.ptnr1_symmetry 
_struct_conn.ptnr2_label_asym_id 
_struct_conn.ptnr2_label_comp_id 
_struct_conn.ptnr2_label_seq_id 
_struct_conn.ptnr2_label_atom_id 
_struct_conn.pdbx_ptnr2_label_alt_id 
_struct_conn.pdbx_ptnr2_PDB_ins_code 
_struct_conn.ptnr1_auth_asym_id 
_struct_conn.ptnr1_auth_comp_id 
_struct_conn.ptnr1_auth_seq_id 
_struct_conn.ptnr2_auth_asym_id 
_struct_conn.ptnr2_auth_comp_id 
_struct_conn.ptnr2_auth_seq_id 
_struct_conn.ptnr2_symmetry 
_struct_conn.pdbx_ptnr3_label_atom_id 
_struct_conn.pdbx_ptnr3_label_seq_id 
_struct_conn.pdbx_ptnr3_label_comp_id 
_struct_conn.pdbx_ptnr3_label_asym_id 
_struct_conn.pdbx_ptnr3_label_alt_id 
_struct_conn.pdbx_ptnr3_PDB_ins_code 
_struct_conn.details 
_struct_conn.pdbx_dist_value 
_struct_conn.pdbx_value_order 
_struct_conn.pdbx_role 
metalc1  metalc ? ? A DC 3  OP1 ? ? ? 1_555 B CA  .  CA ? ? A DC 3   A CA  201 1_555  ? ? ? ? ? ? ?            2.447 ? ? 
metalc2  metalc ? ? A DC 3  OP1 ? ? ? 2_455 B CA  .  CA ? ? A DC 3   A CA  201 1_555  ? ? ? ? ? ? ?            2.447 ? ? 
metalc3  metalc ? ? A DC 3  OP1 ? ? ? 3_445 B CA  .  CA ? ? A DC 3   A CA  201 1_555  ? ? ? ? ? ? ?            2.447 ? ? 
metalc4  metalc ? ? A DA 7  OP1 ? ? ? 1_555 C CA  .  CA ? ? A DA 7   A CA  202 1_555  ? ? ? ? ? ? ?            2.465 ? ? 
metalc5  metalc ? ? A DA 7  OP1 ? ? ? 2_445 C CA  .  CA ? ? A DA 7   A CA  202 1_555  ? ? ? ? ? ? ?            2.465 ? ? 
metalc6  metalc ? ? A DA 7  OP1 ? ? ? 3_545 C CA  .  CA ? ? A DA 7   A CA  202 1_555  ? ? ? ? ? ? ?            2.465 ? ? 
metalc7  metalc ? ? A DA 7  OP2 ? ? ? 1_555 D CA  .  CA ? ? A DA 7   A CA  203 1_555  ? ? ? ? ? ? ?            2.420 ? ? 
metalc8  metalc ? ? A DA 7  OP2 ? ? ? 2_445 D CA  .  CA ? ? A DA 7   A CA  203 1_555  ? ? ? ? ? ? ?            2.420 ? ? 
metalc9  metalc ? ? A DA 7  OP2 ? ? ? 3_545 D CA  .  CA ? ? A DA 7   A CA  203 1_555  ? ? ? ? ? ? ?            2.420 ? ? 
metalc10 metalc ? ? A DG 16 OP1 ? ? ? 1_555 F CA  .  CA ? ? A DG 16  A CA  205 1_555  ? ? ? ? ? ? ?            2.299 ? ? 
metalc11 metalc ? ? A DC 17 OP1 ? ? ? 1_555 E CA  .  CA ? ? A DC 17  A CA  204 1_555  ? ? ? ? ? ? ?            2.368 ? ? 
metalc12 metalc ? ? A DC 17 OP1 ? ? ? 3_545 E CA  .  CA ? ? A DC 17  A CA  204 1_555  ? ? ? ? ? ? ?            2.368 ? ? 
metalc13 metalc ? ? A DC 17 OP1 ? ? ? 2_445 E CA  .  CA ? ? A DC 17  A CA  204 1_555  ? ? ? ? ? ? ?            2.368 ? ? 
metalc14 metalc ? ? B CA .  CA  ? ? ? 1_555 H HOH .  O  ? ? A CA 201 A HOH 297 1_555  ? ? ? ? ? ? ?            2.215 ? ? 
metalc15 metalc ? ? B CA .  CA  ? ? ? 1_555 H HOH .  O  ? ? A CA 201 A HOH 297 3_445  ? ? ? ? ? ? ?            2.215 ? ? 
metalc16 metalc ? ? B CA .  CA  ? ? ? 1_555 H HOH .  O  ? ? A CA 201 A HOH 297 2_455  ? ? ? ? ? ? ?            2.215 ? ? 
metalc17 metalc ? ? C CA .  CA  ? ? ? 1_555 H HOH .  O  ? ? A CA 202 A HOH 298 1_555  ? ? ? ? ? ? ?            2.243 ? ? 
metalc18 metalc ? ? C CA .  CA  ? ? ? 1_555 H HOH .  O  ? ? A CA 202 A HOH 298 2_445  ? ? ? ? ? ? ?            2.244 ? ? 
metalc19 metalc ? ? C CA .  CA  ? ? ? 1_555 H HOH .  O  ? ? A CA 202 A HOH 298 3_545  ? ? ? ? ? ? ?            2.244 ? ? 
metalc20 metalc ? ? D CA .  CA  ? ? ? 1_555 H HOH .  O  ? ? A CA 203 A HOH 299 1_555  ? ? ? ? ? ? ?            2.280 ? ? 
metalc21 metalc ? ? D CA .  CA  ? ? ? 1_555 H HOH .  O  ? ? A CA 203 A HOH 299 2_445  ? ? ? ? ? ? ?            2.281 ? ? 
metalc22 metalc ? ? D CA .  CA  ? ? ? 1_555 H HOH .  O  ? ? A CA 203 A HOH 299 3_545  ? ? ? ? ? ? ?            2.281 ? ? 
metalc23 metalc ? ? E CA .  CA  ? ? ? 1_555 H HOH .  O  ? ? A CA 204 A HOH 300 1_555  ? ? ? ? ? ? ?            2.232 ? ? 
metalc24 metalc ? ? E CA .  CA  ? ? ? 1_555 H HOH .  O  ? ? A CA 204 A HOH 300 2_445  ? ? ? ? ? ? ?            2.232 ? ? 
metalc25 metalc ? ? E CA .  CA  ? ? ? 1_555 H HOH .  O  ? ? A CA 204 A HOH 300 3_545  ? ? ? ? ? ? ?            2.232 ? ? 
metalc26 metalc ? ? F CA .  CA  ? ? ? 1_555 H HOH .  O  ? ? A CA 205 A HOH 301 1_555  ? ? ? ? ? ? ?            2.277 ? ? 
metalc27 metalc ? ? F CA .  CA  ? ? ? 1_555 H HOH .  O  ? ? A CA 205 A HOH 302 1_555  ? ? ? ? ? ? ?            2.242 ? ? 
metalc28 metalc ? ? F CA .  CA  ? ? ? 1_555 H HOH .  O  ? ? A CA 205 A HOH 303 1_555  ? ? ? ? ? ? ?            2.552 ? ? 
metalc29 metalc ? ? F CA .  CA  ? ? ? 1_555 H HOH .  O  ? ? A CA 205 A HOH 304 1_555  ? ? ? ? ? ? ?            2.402 ? ? 
metalc30 metalc ? ? F CA .  CA  ? ? ? 1_555 H HOH .  O  ? ? A CA 205 A HOH 305 1_555  ? ? ? ? ? ? ?            2.437 ? ? 
metalc31 metalc ? ? F CA .  CA  ? ? ? 1_555 H HOH .  O  ? ? A CA 205 A HOH 306 18_445 ? ? ? ? ? ? ?            2.645 ? ? 
metalc32 metalc ? ? G CA .  CA  ? ? ? 1_555 H HOH .  O  ? ? A CA 206 A HOH 216 18_445 ? ? ? ? ? ? ?            3.110 ? ? 
metalc33 metalc ? ? G CA .  CA  ? ? ? 1_555 H HOH .  O  ? ? A CA 206 A HOH 307 1_555  ? ? ? ? ? ? ?            2.431 ? ? 
metalc34 metalc ? ? G CA .  CA  ? ? ? 1_555 H HOH .  O  ? ? A CA 206 A HOH 308 1_555  ? ? ? ? ? ? ?            2.482 ? ? 
metalc35 metalc ? ? G CA .  CA  ? ? ? 1_555 H HOH .  O  ? ? A CA 206 A HOH 309 1_555  ? ? ? ? ? ? ?            1.967 ? ? 
metalc36 metalc ? ? G CA .  CA  ? ? ? 1_555 H HOH .  O  ? ? A CA 206 A HOH 310 1_555  ? ? ? ? ? ? ?            2.637 ? ? 
metalc37 metalc ? ? G CA .  CA  ? ? ? 1_555 H HOH .  O  ? ? A CA 206 A HOH 311 1_555  ? ? ? ? ? ? ?            2.305 ? ? 
metalc38 metalc ? ? G CA .  CA  ? ? ? 1_555 H HOH .  O  ? ? A CA 206 A HOH 312 1_555  ? ? ? ? ? ? ?            1.934 ? ? 
metalc39 metalc ? ? G CA .  CA  ? ? ? 1_555 H HOH .  O  ? ? A CA 206 A HOH 313 1_555  ? ? ? ? ? ? ?            2.235 ? ? 
hydrog1  hydrog ? ? A DG 2  N1  ? ? ? 1_555 A DC  17 N3 ? ? A DG 2   A DC  17  17_435 ? ? ? ? ? ? WATSON-CRICK ?     ? ? 
hydrog2  hydrog ? ? A DG 2  N2  ? ? ? 1_555 A DC  17 O2 ? ? A DG 2   A DC  17  17_435 ? ? ? ? ? ? WATSON-CRICK ?     ? ? 
hydrog3  hydrog ? ? A DG 2  O6  ? ? ? 1_555 A DC  17 N4 ? ? A DG 2   A DC  17  17_435 ? ? ? ? ? ? WATSON-CRICK ?     ? ? 
hydrog4  hydrog ? ? A DC 3  N3  ? ? ? 1_555 A DG  16 N1 ? ? A DC 3   A DG  16  17_435 ? ? ? ? ? ? WATSON-CRICK ?     ? ? 
hydrog5  hydrog ? ? A DC 3  N4  ? ? ? 1_555 A DG  16 O6 ? ? A DC 3   A DG  16  17_435 ? ? ? ? ? ? WATSON-CRICK ?     ? ? 
hydrog6  hydrog ? ? A DC 3  O2  ? ? ? 1_555 A DG  16 N2 ? ? A DC 3   A DG  16  17_435 ? ? ? ? ? ? WATSON-CRICK ?     ? ? 
hydrog7  hydrog ? ? A DT 4  N3  ? ? ? 1_555 A DA  15 N1 ? ? A DT 4   A DA  15  17_435 ? ? ? ? ? ? WATSON-CRICK ?     ? ? 
hydrog8  hydrog ? ? A DT 4  O4  ? ? ? 1_555 A DA  15 N6 ? ? A DT 4   A DA  15  17_435 ? ? ? ? ? ? WATSON-CRICK ?     ? ? 
hydrog9  hydrog ? ? A DG 5  N1  ? ? ? 1_555 A DC  14 N3 ? ? A DG 5   A DC  14  17_435 ? ? ? ? ? ? WATSON-CRICK ?     ? ? 
hydrog10 hydrog ? ? A DG 5  N2  ? ? ? 1_555 A DC  14 O2 ? ? A DG 5   A DC  14  17_435 ? ? ? ? ? ? WATSON-CRICK ?     ? ? 
hydrog11 hydrog ? ? A DG 5  O6  ? ? ? 1_555 A DC  14 N4 ? ? A DG 5   A DC  14  17_435 ? ? ? ? ? ? WATSON-CRICK ?     ? ? 
hydrog12 hydrog ? ? A DG 6  N1  ? ? ? 1_555 A DC  13 N3 ? ? A DG 6   A DC  13  17_435 ? ? ? ? ? ? WATSON-CRICK ?     ? ? 
hydrog13 hydrog ? ? A DG 6  N2  ? ? ? 1_555 A DC  13 O2 ? ? A DG 6   A DC  13  17_435 ? ? ? ? ? ? WATSON-CRICK ?     ? ? 
hydrog14 hydrog ? ? A DG 6  O6  ? ? ? 1_555 A DC  13 N4 ? ? A DG 6   A DC  13  17_435 ? ? ? ? ? ? WATSON-CRICK ?     ? ? 
hydrog15 hydrog ? ? A DA 7  N1  ? ? ? 1_555 A DT  12 N3 ? ? A DA 7   A DT  12  17_435 ? ? ? ? ? ? WATSON-CRICK ?     ? ? 
hydrog16 hydrog ? ? A DA 7  N6  ? ? ? 1_555 A DT  12 O4 ? ? A DA 7   A DT  12  17_435 ? ? ? ? ? ? WATSON-CRICK ?     ? ? 
hydrog17 hydrog ? ? A DA 8  N1  ? ? ? 1_555 A DT  11 N3 ? ? A DA 8   A DT  11  17_435 ? ? ? ? ? ? WATSON-CRICK ?     ? ? 
hydrog18 hydrog ? ? A DA 8  N6  ? ? ? 1_555 A DT  11 O4 ? ? A DA 8   A DT  11  17_435 ? ? ? ? ? ? WATSON-CRICK ?     ? ? 
hydrog19 hydrog ? ? A DA 9  N1  ? ? ? 1_555 A DT  10 N3 ? ? A DA 9   A DT  10  17_435 ? ? ? ? ? ? WATSON-CRICK ?     ? ? 
hydrog20 hydrog ? ? A DA 9  N6  ? ? ? 1_555 A DT  10 O4 ? ? A DA 9   A DT  10  17_435 ? ? ? ? ? ? WATSON-CRICK ?     ? ? 
hydrog21 hydrog ? ? A DT 10 N3  ? ? ? 1_555 A DA  9  N1 ? ? A DT 10  A DA  9   17_435 ? ? ? ? ? ? WATSON-CRICK ?     ? ? 
hydrog22 hydrog ? ? A DT 10 O4  ? ? ? 1_555 A DA  9  N6 ? ? A DT 10  A DA  9   17_435 ? ? ? ? ? ? WATSON-CRICK ?     ? ? 
hydrog23 hydrog ? ? A DT 11 N3  ? ? ? 1_555 A DA  8  N1 ? ? A DT 11  A DA  8   17_435 ? ? ? ? ? ? WATSON-CRICK ?     ? ? 
hydrog24 hydrog ? ? A DT 11 O4  ? ? ? 1_555 A DA  8  N6 ? ? A DT 11  A DA  8   17_435 ? ? ? ? ? ? WATSON-CRICK ?     ? ? 
hydrog25 hydrog ? ? A DT 12 N3  ? ? ? 1_555 A DA  7  N1 ? ? A DT 12  A DA  7   17_435 ? ? ? ? ? ? WATSON-CRICK ?     ? ? 
hydrog26 hydrog ? ? A DT 12 O4  ? ? ? 1_555 A DA  7  N6 ? ? A DT 12  A DA  7   17_435 ? ? ? ? ? ? WATSON-CRICK ?     ? ? 
hydrog27 hydrog ? ? A DC 13 N3  ? ? ? 1_555 A DG  6  N1 ? ? A DC 13  A DG  6   17_435 ? ? ? ? ? ? WATSON-CRICK ?     ? ? 
hydrog28 hydrog ? ? A DC 13 N4  ? ? ? 1_555 A DG  6  O6 ? ? A DC 13  A DG  6   17_435 ? ? ? ? ? ? WATSON-CRICK ?     ? ? 
hydrog29 hydrog ? ? A DC 13 O2  ? ? ? 1_555 A DG  6  N2 ? ? A DC 13  A DG  6   17_435 ? ? ? ? ? ? WATSON-CRICK ?     ? ? 
hydrog30 hydrog ? ? A DC 14 N3  ? ? ? 1_555 A DG  5  N1 ? ? A DC 14  A DG  5   17_435 ? ? ? ? ? ? WATSON-CRICK ?     ? ? 
hydrog31 hydrog ? ? A DC 14 N4  ? ? ? 1_555 A DG  5  O6 ? ? A DC 14  A DG  5   17_435 ? ? ? ? ? ? WATSON-CRICK ?     ? ? 
hydrog32 hydrog ? ? A DC 14 O2  ? ? ? 1_555 A DG  5  N2 ? ? A DC 14  A DG  5   17_435 ? ? ? ? ? ? WATSON-CRICK ?     ? ? 
hydrog33 hydrog ? ? A DA 15 N1  ? ? ? 1_555 A DT  4  N3 ? ? A DA 15  A DT  4   17_435 ? ? ? ? ? ? WATSON-CRICK ?     ? ? 
hydrog34 hydrog ? ? A DA 15 N6  ? ? ? 1_555 A DT  4  O4 ? ? A DA 15  A DT  4   17_435 ? ? ? ? ? ? WATSON-CRICK ?     ? ? 
hydrog35 hydrog ? ? A DG 16 N1  ? ? ? 1_555 A DC  3  N3 ? ? A DG 16  A DC  3   17_435 ? ? ? ? ? ? WATSON-CRICK ?     ? ? 
hydrog36 hydrog ? ? A DG 16 N2  ? ? ? 1_555 A DC  3  O2 ? ? A DG 16  A DC  3   17_435 ? ? ? ? ? ? WATSON-CRICK ?     ? ? 
hydrog37 hydrog ? ? A DG 16 O6  ? ? ? 1_555 A DC  3  N4 ? ? A DG 16  A DC  3   17_435 ? ? ? ? ? ? WATSON-CRICK ?     ? ? 
hydrog38 hydrog ? ? A DC 17 N3  ? ? ? 1_555 A DG  2  N1 ? ? A DC 17  A DG  2   17_435 ? ? ? ? ? ? WATSON-CRICK ?     ? ? 
hydrog39 hydrog ? ? A DC 17 N4  ? ? ? 1_555 A DG  2  O6 ? ? A DC 17  A DG  2   17_435 ? ? ? ? ? ? WATSON-CRICK ?     ? ? 
hydrog40 hydrog ? ? A DC 17 O2  ? ? ? 1_555 A DG  2  N2 ? ? A DC 17  A DG  2   17_435 ? ? ? ? ? ? WATSON-CRICK ?     ? ? 
# 
loop_
_struct_conn_type.id 
_struct_conn_type.criteria 
_struct_conn_type.reference 
metalc ? ? 
hydrog ? ? 
# 
loop_
_struct_site.id 
_struct_site.pdbx_evidence_code 
_struct_site.pdbx_auth_asym_id 
_struct_site.pdbx_auth_comp_id 
_struct_site.pdbx_auth_seq_id 
_struct_site.pdbx_auth_ins_code 
_struct_site.pdbx_num_residues 
_struct_site.details 
AC1 Software A CA 201 ? 6 'BINDING SITE FOR RESIDUE CA A 201' 
AC2 Software A CA 202 ? 6 'BINDING SITE FOR RESIDUE CA A 202' 
AC3 Software A CA 203 ? 6 'BINDING SITE FOR RESIDUE CA A 203' 
AC4 Software A CA 204 ? 6 'BINDING SITE FOR RESIDUE CA A 204' 
AC5 Software A CA 205 ? 7 'BINDING SITE FOR RESIDUE CA A 205' 
AC6 Software A CA 206 ? 7 'BINDING SITE FOR RESIDUE CA A 206' 
# 
loop_
_struct_site_gen.id 
_struct_site_gen.site_id 
_struct_site_gen.pdbx_num_res 
_struct_site_gen.label_comp_id 
_struct_site_gen.label_asym_id 
_struct_site_gen.label_seq_id 
_struct_site_gen.pdbx_auth_ins_code 
_struct_site_gen.auth_comp_id 
_struct_site_gen.auth_asym_id 
_struct_site_gen.auth_seq_id 
_struct_site_gen.label_atom_id 
_struct_site_gen.label_alt_id 
_struct_site_gen.symmetry 
_struct_site_gen.details 
1  AC1 6 DC  A 3  ? DC  A 3   . ? 3_445  ? 
2  AC1 6 DC  A 3  ? DC  A 3   . ? 2_455  ? 
3  AC1 6 DC  A 3  ? DC  A 3   . ? 1_555  ? 
4  AC1 6 HOH H .  ? HOH A 297 . ? 2_455  ? 
5  AC1 6 HOH H .  ? HOH A 297 . ? 1_555  ? 
6  AC1 6 HOH H .  ? HOH A 297 . ? 3_445  ? 
7  AC2 6 DA  A 7  ? DA  A 7   . ? 2_445  ? 
8  AC2 6 DA  A 7  ? DA  A 7   . ? 1_555  ? 
9  AC2 6 DA  A 7  ? DA  A 7   . ? 3_545  ? 
10 AC2 6 HOH H .  ? HOH A 298 . ? 3_545  ? 
11 AC2 6 HOH H .  ? HOH A 298 . ? 2_445  ? 
12 AC2 6 HOH H .  ? HOH A 298 . ? 1_555  ? 
13 AC3 6 DA  A 7  ? DA  A 7   . ? 2_445  ? 
14 AC3 6 DA  A 7  ? DA  A 7   . ? 1_555  ? 
15 AC3 6 DA  A 7  ? DA  A 7   . ? 3_545  ? 
16 AC3 6 HOH H .  ? HOH A 299 . ? 2_445  ? 
17 AC3 6 HOH H .  ? HOH A 299 . ? 3_545  ? 
18 AC3 6 HOH H .  ? HOH A 299 . ? 1_555  ? 
19 AC4 6 DC  A 17 ? DC  A 17  . ? 2_445  ? 
20 AC4 6 DC  A 17 ? DC  A 17  . ? 1_555  ? 
21 AC4 6 DC  A 17 ? DC  A 17  . ? 3_545  ? 
22 AC4 6 HOH H .  ? HOH A 300 . ? 3_545  ? 
23 AC4 6 HOH H .  ? HOH A 300 . ? 2_445  ? 
24 AC4 6 HOH H .  ? HOH A 300 . ? 1_555  ? 
25 AC5 7 DG  A 16 ? DG  A 16  . ? 1_555  ? 
26 AC5 7 HOH H .  ? HOH A 301 . ? 1_555  ? 
27 AC5 7 HOH H .  ? HOH A 302 . ? 1_555  ? 
28 AC5 7 HOH H .  ? HOH A 303 . ? 1_555  ? 
29 AC5 7 HOH H .  ? HOH A 304 . ? 1_555  ? 
30 AC5 7 HOH H .  ? HOH A 305 . ? 1_555  ? 
31 AC5 7 HOH H .  ? HOH A 306 . ? 18_445 ? 
32 AC6 7 HOH H .  ? HOH A 307 . ? 1_555  ? 
33 AC6 7 HOH H .  ? HOH A 308 . ? 1_555  ? 
34 AC6 7 HOH H .  ? HOH A 309 . ? 1_555  ? 
35 AC6 7 HOH H .  ? HOH A 310 . ? 1_555  ? 
36 AC6 7 HOH H .  ? HOH A 311 . ? 1_555  ? 
37 AC6 7 HOH H .  ? HOH A 312 . ? 1_555  ? 
38 AC6 7 HOH H .  ? HOH A 313 . ? 1_555  ? 
# 
_atom_sites.entry_id                    1SGS 
_atom_sites.fract_transf_matrix[1][1]   -0.01157703 
_atom_sites.fract_transf_matrix[1][2]   0.02690421 
_atom_sites.fract_transf_matrix[1][3]   0.00474626 
_atom_sites.fract_transf_matrix[2][1]   0.01387588 
_atom_sites.fract_transf_matrix[2][2]   0.02414149 
_atom_sites.fract_transf_matrix[2][3]   -0.01025067 
_atom_sites.fract_transf_matrix[3][1]   -0.00322196 
_atom_sites.fract_transf_matrix[3][2]   -0.00043591 
_atom_sites.fract_transf_matrix[3][3]   -0.00538803 
_atom_sites.fract_transf_vector[1]      -0.607457 
_atom_sites.fract_transf_vector[2]      -0.614994 
_atom_sites.fract_transf_vector[3]      0.342205 
# 
loop_
_atom_type.symbol 
C  
CA 
N  
O  
P  
# 
loop_
_atom_site.group_PDB 
_atom_site.id 
_atom_site.type_symbol 
_atom_site.label_atom_id 
_atom_site.label_alt_id 
_atom_site.label_comp_id 
_atom_site.label_asym_id 
_atom_site.label_entity_id 
_atom_site.label_seq_id 
_atom_site.pdbx_PDB_ins_code 
_atom_site.Cartn_x 
_atom_site.Cartn_y 
_atom_site.Cartn_z 
_atom_site.occupancy 
_atom_site.B_iso_or_equiv 
_atom_site.pdbx_formal_charge 
_atom_site.auth_seq_id 
_atom_site.auth_comp_id 
_atom_site.auth_asym_id 
_atom_site.auth_atom_id 
_atom_site.pdbx_PDB_model_num 
ATOM   1   O  "O5'" . DC  A 1 1  ? -0.165  -5.995  -26.662 1.00 53.47 ? 1   DC  A "O5'" 1 
ATOM   2   C  "C5'" . DC  A 1 1  ? -1.088  -6.198  -25.591 1.00 52.63 ? 1   DC  A "C5'" 1 
ATOM   3   C  "C4'" . DC  A 1 1  ? -2.234  -7.096  -25.998 1.00 51.89 ? 1   DC  A "C4'" 1 
ATOM   4   O  "O4'" . DC  A 1 1  ? -1.692  -8.331  -26.515 1.00 55.12 ? 1   DC  A "O4'" 1 
ATOM   5   C  "C3'" . DC  A 1 1  ? -3.144  -7.489  -24.839 1.00 48.80 ? 1   DC  A "C3'" 1 
ATOM   6   O  "O3'" . DC  A 1 1  ? -4.504  -7.610  -25.262 1.00 39.57 ? 1   DC  A "O3'" 1 
ATOM   7   C  "C2'" . DC  A 1 1  ? -2.573  -8.812  -24.362 1.00 53.18 ? 1   DC  A "C2'" 1 
ATOM   8   C  "C1'" . DC  A 1 1  ? -1.911  -9.401  -25.602 1.00 57.89 ? 1   DC  A "C1'" 1 
ATOM   9   N  N1    . DC  A 1 1  ? -0.604  -10.041 -25.355 1.00 61.96 ? 1   DC  A N1    1 
ATOM   10  C  C2    . DC  A 1 1  ? 0.307   -9.440  -24.452 1.00 64.68 ? 1   DC  A C2    1 
ATOM   11  O  O2    . DC  A 1 1  ? -0.012  -8.387  -23.871 1.00 66.41 ? 1   DC  A O2    1 
ATOM   12  N  N3    . DC  A 1 1  ? 1.510   -10.025 -24.242 1.00 66.36 ? 1   DC  A N3    1 
ATOM   13  C  C4    . DC  A 1 1  ? 1.824   -11.156 -24.882 1.00 67.12 ? 1   DC  A C4    1 
ATOM   14  N  N4    . DC  A 1 1  ? 3.029   -11.694 -24.645 1.00 68.00 ? 1   DC  A N4    1 
ATOM   15  C  C5    . DC  A 1 1  ? 0.919   -11.786 -25.794 1.00 66.30 ? 1   DC  A C5    1 
ATOM   16  C  C6    . DC  A 1 1  ? -0.270  -11.201 -25.996 1.00 64.20 ? 1   DC  A C6    1 
ATOM   17  P  P     . DG  A 1 2  ? -5.664  -7.017  -24.331 1.00 34.32 ? 2   DG  A P     1 
ATOM   18  O  OP1   . DG  A 1 2  ? -5.622  -7.773  -23.053 1.00 34.27 ? 2   DG  A OP1   1 
ATOM   19  O  OP2   . DG  A 1 2  ? -6.957  -6.898  -25.058 1.00 34.47 ? 2   DG  A OP2   1 
ATOM   20  O  "O5'" . DG  A 1 2  ? -5.162  -5.537  -24.032 1.00 29.47 ? 2   DG  A "O5'" 1 
ATOM   21  C  "C5'" . DG  A 1 2  ? -5.045  -4.604  -25.085 1.00 23.79 ? 2   DG  A "C5'" 1 
ATOM   22  C  "C4'" . DG  A 1 2  ? -5.197  -3.204  -24.550 1.00 18.61 ? 2   DG  A "C4'" 1 
ATOM   23  O  "O4'" . DG  A 1 2  ? -6.489  -3.050  -23.909 1.00 18.04 ? 2   DG  A "O4'" 1 
ATOM   24  C  "C3'" . DG  A 1 2  ? -4.166  -2.793  -23.503 1.00 16.70 ? 2   DG  A "C3'" 1 
ATOM   25  O  "O3'" . DG  A 1 2  ? -3.958  -1.391  -23.720 1.00 15.84 ? 2   DG  A "O3'" 1 
ATOM   26  C  "C2'" . DG  A 1 2  ? -4.870  -3.112  -22.192 1.00 16.64 ? 2   DG  A "C2'" 1 
ATOM   27  C  "C1'" . DG  A 1 2  ? -6.334  -2.820  -22.514 1.00 17.55 ? 2   DG  A "C1'" 1 
ATOM   28  N  N9    . DG  A 1 2  ? -7.317  -3.660  -21.837 1.00 16.64 ? 2   DG  A N9    1 
ATOM   29  C  C8    . DG  A 1 2  ? -7.272  -5.017  -21.625 1.00 17.22 ? 2   DG  A C8    1 
ATOM   30  N  N7    . DG  A 1 2  ? -8.366  -5.480  -21.068 1.00 17.06 ? 2   DG  A N7    1 
ATOM   31  C  C5    . DG  A 1 2  ? -9.162  -4.353  -20.883 1.00 15.23 ? 2   DG  A C5    1 
ATOM   32  C  C6    . DG  A 1 2  ? -10.479 -4.222  -20.349 1.00 15.82 ? 2   DG  A C6    1 
ATOM   33  O  O6    . DG  A 1 2  ? -11.239 -5.121  -19.940 1.00 17.22 ? 2   DG  A O6    1 
ATOM   34  N  N1    . DG  A 1 2  ? -10.897 -2.899  -20.349 1.00 14.84 ? 2   DG  A N1    1 
ATOM   35  C  C2    . DG  A 1 2  ? -10.163 -1.835  -20.821 1.00 15.56 ? 2   DG  A C2    1 
ATOM   36  N  N2    . DG  A 1 2  ? -10.736 -0.614  -20.749 1.00 15.24 ? 2   DG  A N2    1 
ATOM   37  N  N3    . DG  A 1 2  ? -8.944  -1.952  -21.332 1.00 15.25 ? 2   DG  A N3    1 
ATOM   38  C  C4    . DG  A 1 2  ? -8.516  -3.223  -21.328 1.00 15.63 ? 2   DG  A C4    1 
ATOM   39  P  P     . DC  A 1 3  ? -2.868  -0.578  -22.891 1.00 16.41 ? 3   DC  A P     1 
ATOM   40  O  OP1   . DC  A 1 3  ? -2.295  0.425   -23.828 1.00 15.94 ? 3   DC  A OP1   1 
ATOM   41  O  OP2   . DC  A 1 3  ? -1.953  -1.462  -22.102 1.00 16.95 ? 3   DC  A OP2   1 
ATOM   42  O  "O5'" . DC  A 1 3  ? -3.756  0.163   -21.812 1.00 15.94 ? 3   DC  A "O5'" 1 
ATOM   43  C  "C5'" . DC  A 1 3  ? -4.645  1.198   -22.216 1.00 17.40 ? 3   DC  A "C5'" 1 
ATOM   44  C  "C4'" . DC  A 1 3  ? -5.374  1.754   -21.020 1.00 18.04 ? 3   DC  A "C4'" 1 
ATOM   45  O  "O4'" . DC  A 1 3  ? -6.301  0.746   -20.564 1.00 18.95 ? 3   DC  A "O4'" 1 
ATOM   46  C  "C3'" . DC  A 1 3  ? -4.497  2.109   -19.818 1.00 19.38 ? 3   DC  A "C3'" 1 
ATOM   47  O  "O3'" . DC  A 1 3  ? -4.542  3.526   -19.643 1.00 22.02 ? 3   DC  A "O3'" 1 
ATOM   48  C  "C2'" . DC  A 1 3  ? -5.091  1.297   -18.668 1.00 19.88 ? 3   DC  A "C2'" 1 
ATOM   49  C  "C1'" . DC  A 1 3  ? -6.468  0.884   -19.172 1.00 18.88 ? 3   DC  A "C1'" 1 
ATOM   50  N  N1    . DC  A 1 3  ? -6.967  -0.410  -18.686 1.00 17.53 ? 3   DC  A N1    1 
ATOM   51  C  C2    . DC  A 1 3  ? -8.234  -0.475  -18.087 1.00 17.05 ? 3   DC  A C2    1 
ATOM   52  O  O2    . DC  A 1 3  ? -8.865  0.577   -17.887 1.00 16.91 ? 3   DC  A O2    1 
ATOM   53  N  N3    . DC  A 1 3  ? -8.725  -1.680  -17.725 1.00 15.94 ? 3   DC  A N3    1 
ATOM   54  C  C4    . DC  A 1 3  ? -7.993  -2.781  -17.907 1.00 16.66 ? 3   DC  A C4    1 
ATOM   55  N  N4    . DC  A 1 3  ? -8.525  -3.953  -17.578 1.00 17.72 ? 3   DC  A N4    1 
ATOM   56  C  C5    . DC  A 1 3  ? -6.682  -2.735  -18.449 1.00 16.92 ? 3   DC  A C5    1 
ATOM   57  C  C6    . DC  A 1 3  ? -6.215  -1.539  -18.834 1.00 17.88 ? 3   DC  A C6    1 
ATOM   58  P  P     . DT  A 1 4  ? -3.826  4.214   -18.384 1.00 22.98 ? 4   DT  A P     1 
ATOM   59  O  OP1   . DT  A 1 4  ? -3.457  5.584   -18.782 1.00 25.95 ? 4   DT  A OP1   1 
ATOM   60  O  OP2   . DT  A 1 4  ? -2.842  3.337   -17.750 1.00 23.91 ? 4   DT  A OP2   1 
ATOM   61  O  "O5'" . DT  A 1 4  ? -5.024  4.362   -17.354 1.00 22.27 ? 4   DT  A "O5'" 1 
ATOM   62  C  "C5'" . DT  A 1 4  ? -6.230  4.931   -17.810 1.00 22.24 ? 4   DT  A "C5'" 1 
ATOM   63  C  "C4'" . DT  A 1 4  ? -7.240  4.957   -16.702 1.00 21.61 ? 4   DT  A "C4'" 1 
ATOM   64  O  "O4'" . DT  A 1 4  ? -7.691  3.623   -16.398 1.00 22.02 ? 4   DT  A "O4'" 1 
ATOM   65  C  "C3'" . DT  A 1 4  ? -6.700  5.548   -15.404 1.00 22.50 ? 4   DT  A "C3'" 1 
ATOM   66  O  "O3'" . DT  A 1 4  ? -7.661  6.499   -14.980 1.00 24.73 ? 4   DT  A "O3'" 1 
ATOM   67  C  "C2'" . DT  A 1 4  ? -6.564  4.346   -14.483 1.00 22.13 ? 4   DT  A "C2'" 1 
ATOM   68  C  "C1'" . DT  A 1 4  ? -7.639  3.395   -15.001 1.00 21.07 ? 4   DT  A "C1'" 1 
ATOM   69  N  N1    . DT  A 1 4  ? -7.432  1.943   -14.827 1.00 20.09 ? 4   DT  A N1    1 
ATOM   70  C  C2    . DT  A 1 4  ? -8.493  1.187   -14.352 1.00 19.28 ? 4   DT  A C2    1 
ATOM   71  O  O2    . DT  A 1 4  ? -9.556  1.684   -13.993 1.00 19.87 ? 4   DT  A O2    1 
ATOM   72  N  N3    . DT  A 1 4  ? -8.275  -0.153  -14.326 1.00 17.87 ? 4   DT  A N3    1 
ATOM   73  C  C4    . DT  A 1 4  ? -7.123  -0.823  -14.719 1.00 18.08 ? 4   DT  A C4    1 
ATOM   74  O  O4    . DT  A 1 4  ? -7.091  -2.041  -14.682 1.00 16.95 ? 4   DT  A O4    1 
ATOM   75  C  C5    . DT  A 1 4  ? -6.040  0.026   -15.164 1.00 18.96 ? 4   DT  A C5    1 
ATOM   76  C  C7    . DT  A 1 4  ? -4.747  -0.606  -15.586 1.00 20.01 ? 4   DT  A C7    1 
ATOM   77  C  C6    . DT  A 1 4  ? -6.237  1.344   -15.185 1.00 19.12 ? 4   DT  A C6    1 
ATOM   78  P  P     . DG  A 1 5  ? -7.376  7.408   -13.701 1.00 24.58 ? 5   DG  A P     1 
ATOM   79  O  OP1   . DG  A 1 5  ? -7.919  8.732   -14.031 1.00 27.22 ? 5   DG  A OP1   1 
ATOM   80  O  OP2   . DG  A 1 5  ? -5.996  7.260   -13.196 1.00 26.72 ? 5   DG  A OP2   1 
ATOM   81  O  "O5'" . DG  A 1 5  ? -8.298  6.742   -12.603 1.00 22.78 ? 5   DG  A "O5'" 1 
ATOM   82  C  "C5'" . DG  A 1 5  ? -9.687  6.656   -12.822 1.00 21.22 ? 5   DG  A "C5'" 1 
ATOM   83  C  "C4'" . DG  A 1 5  ? -10.324 5.970   -11.642 1.00 18.26 ? 5   DG  A "C4'" 1 
ATOM   84  O  "O4'" . DG  A 1 5  ? -9.898  4.584   -11.609 1.00 18.13 ? 5   DG  A "O4'" 1 
ATOM   85  C  "C3'" . DG  A 1 5  ? -9.891  6.580   -10.315 1.00 19.31 ? 5   DG  A "C3'" 1 
ATOM   86  O  "O3'" . DG  A 1 5  ? -11.049 6.590   -9.493  1.00 19.69 ? 5   DG  A "O3'" 1 
ATOM   87  C  "C2'" . DG  A 1 5  ? -8.808  5.624   -9.824  1.00 17.98 ? 5   DG  A "C2'" 1 
ATOM   88  C  "C1'" . DG  A 1 5  ? -9.287  4.277   -10.358 1.00 17.85 ? 5   DG  A "C1'" 1 
ATOM   89  N  N9    . DG  A 1 5  ? -8.250  3.287   -10.637 1.00 16.77 ? 5   DG  A N9    1 
ATOM   90  C  C8    . DG  A 1 5  ? -6.984  3.530   -11.119 1.00 17.58 ? 5   DG  A C8    1 
ATOM   91  N  N7    . DG  A 1 5  ? -6.335  2.434   -11.426 1.00 16.70 ? 5   DG  A N7    1 
ATOM   92  C  C5    . DG  A 1 5  ? -7.197  1.409   -11.071 1.00 16.08 ? 5   DG  A C5    1 
ATOM   93  C  C6    . DG  A 1 5  ? -7.034  0.004   -11.159 1.00 15.93 ? 5   DG  A C6    1 
ATOM   94  O  O6    . DG  A 1 5  ? -6.063  -0.627  -11.589 1.00 16.82 ? 5   DG  A O6    1 
ATOM   95  N  N1    . DG  A 1 5  ? -8.137  -0.677  -10.671 1.00 16.27 ? 5   DG  A N1    1 
ATOM   96  C  C2    . DG  A 1 5  ? -9.257  -0.086  -10.162 1.00 15.31 ? 5   DG  A C2    1 
ATOM   97  N  N2    . DG  A 1 5  ? -10.191 -0.920  -9.708  1.00 15.57 ? 5   DG  A N2    1 
ATOM   98  N  N3    . DG  A 1 5  ? -9.439  1.226   -10.098 1.00 15.78 ? 5   DG  A N3    1 
ATOM   99  C  C4    . DG  A 1 5  ? -8.375  1.911   -10.557 1.00 16.17 ? 5   DG  A C4    1 
ATOM   100 P  P     . DG  A 1 6  ? -11.041 7.349   -8.079  1.00 20.20 ? 6   DG  A P     1 
ATOM   101 O  OP1   . DG  A 1 6  ? -12.467 7.687   -7.828  1.00 22.54 ? 6   DG  A OP1   1 
ATOM   102 O  OP2   . DG  A 1 6  ? -10.024 8.400   -8.050  1.00 20.27 ? 6   DG  A OP2   1 
ATOM   103 O  "O5'" . DG  A 1 6  ? -10.593 6.232   -7.054  1.00 18.85 ? 6   DG  A "O5'" 1 
ATOM   104 C  "C5'" . DG  A 1 6  ? -11.354 5.059   -6.893  1.00 18.73 ? 6   DG  A "C5'" 1 
ATOM   105 C  "C4'" . DG  A 1 6  ? -10.541 4.026   -6.158  1.00 17.71 ? 6   DG  A "C4'" 1 
ATOM   106 O  "O4'" . DG  A 1 6  ? -9.563  3.412   -7.032  1.00 17.08 ? 6   DG  A "O4'" 1 
ATOM   107 C  "C3'" . DG  A 1 6  ? -9.760  4.550   -4.939  1.00 17.80 ? 6   DG  A "C3'" 1 
ATOM   108 O  "O3'" . DG  A 1 6  ? -9.966  3.665   -3.846  1.00 16.96 ? 6   DG  A "O3'" 1 
ATOM   109 C  "C2'" . DG  A 1 6  ? -8.311  4.388   -5.366  1.00 17.52 ? 6   DG  A "C2'" 1 
ATOM   110 C  "C1'" . DG  A 1 6  ? -8.458  3.137   -6.205  1.00 15.94 ? 6   DG  A "C1'" 1 
ATOM   111 N  N9    . DG  A 1 6  ? -7.321  2.703   -7.019  1.00 15.81 ? 6   DG  A N9    1 
ATOM   112 C  C8    . DG  A 1 6  ? -6.311  3.472   -7.544  1.00 15.76 ? 6   DG  A C8    1 
ATOM   113 N  N7    . DG  A 1 6  ? -5.371  2.754   -8.117  1.00 15.95 ? 6   DG  A N7    1 
ATOM   114 C  C5    . DG  A 1 6  ? -5.807  1.439   -7.979  1.00 14.78 ? 6   DG  A C5    1 
ATOM   115 C  C6    . DG  A 1 6  ? -5.201  0.211   -8.376  1.00 15.94 ? 6   DG  A C6    1 
ATOM   116 O  O6    . DG  A 1 6  ? -4.101  0.036   -8.915  1.00 17.36 ? 6   DG  A O6    1 
ATOM   117 N  N1    . DG  A 1 6  ? -5.996  -0.880  -8.075  1.00 15.48 ? 6   DG  A N1    1 
ATOM   118 C  C2    . DG  A 1 6  ? -7.221  -0.820  -7.459  1.00 15.05 ? 6   DG  A C2    1 
ATOM   119 N  N2    . DG  A 1 6  ? -7.850  -2.002  -7.245  1.00 15.74 ? 6   DG  A N2    1 
ATOM   120 N  N3    . DG  A 1 6  ? -7.793  0.314   -7.072  1.00 15.32 ? 6   DG  A N3    1 
ATOM   121 C  C4    . DG  A 1 6  ? -7.029  1.392   -7.350  1.00 15.91 ? 6   DG  A C4    1 
ATOM   122 P  P     . DA  A 1 7  ? -11.260 3.831   -2.916  1.00 16.78 ? 7   DA  A P     1 
ATOM   123 O  OP1   . DA  A 1 7  ? -12.307 4.375   -3.787  1.00 17.06 ? 7   DA  A OP1   1 
ATOM   124 O  OP2   . DA  A 1 7  ? -10.898 4.528   -1.667  1.00 17.48 ? 7   DA  A OP2   1 
ATOM   125 O  "O5'" . DA  A 1 7  ? -11.559 2.338   -2.442  1.00 17.53 ? 7   DA  A "O5'" 1 
ATOM   126 C  "C5'" . DA  A 1 7  ? -12.342 1.451   -3.237  1.00 17.26 ? 7   DA  A "C5'" 1 
ATOM   127 C  "C4'" . DA  A 1 7  ? -11.986 0.024   -2.902  1.00 17.00 ? 7   DA  A "C4'" 1 
ATOM   128 O  "O4'" . DA  A 1 7  ? -10.731 -0.344  -3.530  1.00 17.96 ? 7   DA  A "O4'" 1 
ATOM   129 C  "C3'" . DA  A 1 7  ? -11.832 -0.240  -1.410  1.00 18.02 ? 7   DA  A "C3'" 1 
ATOM   130 O  "O3'" . DA  A 1 7  ? -12.511 -1.469  -1.127  1.00 18.12 ? 7   DA  A "O3'" 1 
ATOM   131 C  "C2'" . DA  A 1 7  ? -10.321 -0.259  -1.210  1.00 18.19 ? 7   DA  A "C2'" 1 
ATOM   132 C  "C1'" . DA  A 1 7  ? -9.783  -0.752  -2.547  1.00 18.55 ? 7   DA  A "C1'" 1 
ATOM   133 N  N9    . DA  A 1 7  ? -8.497  -0.208  -2.976  1.00 17.02 ? 7   DA  A N9    1 
ATOM   134 C  C8    . DA  A 1 7  ? -8.064  1.095   -2.950  1.00 17.49 ? 7   DA  A C8    1 
ATOM   135 N  N7    . DA  A 1 7  ? -6.881  1.274   -3.504  1.00 16.59 ? 7   DA  A N7    1 
ATOM   136 C  C5    . DA  A 1 7  ? -6.512  -0.008  -3.904  1.00 15.50 ? 7   DA  A C5    1 
ATOM   137 C  C6    . DA  A 1 7  ? -5.367  -0.518  -4.558  1.00 16.37 ? 7   DA  A C6    1 
ATOM   138 N  N6    . DA  A 1 7  ? -4.350  0.232   -4.995  1.00 15.39 ? 7   DA  A N6    1 
ATOM   139 N  N1    . DA  A 1 7  ? -5.313  -1.851  -4.772  1.00 16.55 ? 7   DA  A N1    1 
ATOM   140 C  C2    . DA  A 1 7  ? -6.348  -2.612  -4.380  1.00 15.16 ? 7   DA  A C2    1 
ATOM   141 N  N3    . DA  A 1 7  ? -7.480  -2.249  -3.789  1.00 15.84 ? 7   DA  A N3    1 
ATOM   142 C  C4    . DA  A 1 7  ? -7.492  -0.925  -3.565  1.00 16.06 ? 7   DA  A C4    1 
ATOM   143 P  P     . DA  A 1 8  ? -12.572 -2.059  0.374   1.00 20.11 ? 8   DA  A P     1 
ATOM   144 O  OP1   . DA  A 1 8  ? -13.674 -3.052  0.347   1.00 20.74 ? 8   DA  A OP1   1 
ATOM   145 O  OP2   . DA  A 1 8  ? -12.561 -0.977  1.396   1.00 21.20 ? 8   DA  A OP2   1 
ATOM   146 O  "O5'" . DA  A 1 8  ? -11.208 -2.867  0.449   1.00 20.53 ? 8   DA  A "O5'" 1 
ATOM   147 C  "C5'" . DA  A 1 8  ? -11.032 -3.936  -0.460  1.00 22.31 ? 8   DA  A "C5'" 1 
ATOM   148 C  "C4'" . DA  A 1 8  ? -9.688  -4.569  -0.251  1.00 23.83 ? 8   DA  A "C4'" 1 
ATOM   149 O  "O4'" . DA  A 1 8  ? -8.647  -3.745  -0.808  1.00 22.61 ? 8   DA  A "O4'" 1 
ATOM   150 C  "C3'" . DA  A 1 8  ? -9.315  -4.822  1.206   1.00 25.18 ? 8   DA  A "C3'" 1 
ATOM   151 O  "O3'" . DA  A 1 8  ? -8.828  -6.142  1.197   1.00 30.08 ? 8   DA  A "O3'" 1 
ATOM   152 C  "C2'" . DA  A 1 8  ? -8.207  -3.809  1.467   1.00 24.65 ? 8   DA  A "C2'" 1 
ATOM   153 C  "C1'" . DA  A 1 8  ? -7.560  -3.728  0.094   1.00 22.57 ? 8   DA  A "C1'" 1 
ATOM   154 N  N9    . DA  A 1 8  ? -6.776  -2.530  -0.184  1.00 20.25 ? 8   DA  A N9    1 
ATOM   155 C  C8    . DA  A 1 8  ? -7.026  -1.238  0.190   1.00 19.88 ? 8   DA  A C8    1 
ATOM   156 N  N7    . DA  A 1 8  ? -6.123  -0.382  -0.228  1.00 19.98 ? 8   DA  A N7    1 
ATOM   157 C  C5    . DA  A 1 8  ? -5.211  -1.167  -0.914  1.00 17.82 ? 8   DA  A C5    1 
ATOM   158 C  C6    . DA  A 1 8  ? -4.001  -0.863  -1.582  1.00 17.29 ? 8   DA  A C6    1 
ATOM   159 N  N6    . DA  A 1 8  ? -3.506  0.370   -1.696  1.00 18.79 ? 8   DA  A N6    1 
ATOM   160 N  N1    . DA  A 1 8  ? -3.322  -1.891  -2.147  1.00 17.71 ? 8   DA  A N1    1 
ATOM   161 C  C2    . DA  A 1 8  ? -3.828  -3.119  -2.064  1.00 16.14 ? 8   DA  A C2    1 
ATOM   162 N  N3    . DA  A 1 8  ? -4.966  -3.528  -1.465  1.00 16.45 ? 8   DA  A N3    1 
ATOM   163 C  C4    . DA  A 1 8  ? -5.605  -2.490  -0.908  1.00 17.95 ? 8   DA  A C4    1 
ATOM   164 P  P     . DA  A 1 9  ? -8.589  -6.944  2.559   1.00 30.13 ? 9   DA  A P     1 
ATOM   165 O  OP1   . DA  A 1 9  ? -9.596  -8.044  2.537   1.00 32.92 ? 9   DA  A OP1   1 
ATOM   166 O  OP2   . DA  A 1 9  ? -8.500  -6.054  3.732   1.00 31.35 ? 9   DA  A OP2   1 
ATOM   167 O  "O5'" . DA  A 1 9  ? -7.173  -7.557  2.232   1.00 29.89 ? 9   DA  A "O5'" 1 
ATOM   168 C  "C5'" . DA  A 1 9  ? -6.924  -8.055  0.930   1.00 28.18 ? 9   DA  A "C5'" 1 
ATOM   169 C  "C4'" . DA  A 1 9  ? -5.443  -8.142  0.671   1.00 26.88 ? 9   DA  A "C4'" 1 
ATOM   170 O  "O4'" . DA  A 1 9  ? -4.881  -6.840  0.379   1.00 25.90 ? 9   DA  A "O4'" 1 
ATOM   171 C  "C3'" . DA  A 1 9  ? -4.647  -8.711  1.844   1.00 27.12 ? 9   DA  A "C3'" 1 
ATOM   172 O  "O3'" . DA  A 1 9  ? -3.726  -9.682  1.332   1.00 29.15 ? 9   DA  A "O3'" 1 
ATOM   173 C  "C2'" . DA  A 1 9  ? -3.950  -7.484  2.420   1.00 25.46 ? 9   DA  A "C2'" 1 
ATOM   174 C  "C1'" . DA  A 1 9  ? -3.739  -6.613  1.194   1.00 22.73 ? 9   DA  A "C1'" 1 
ATOM   175 N  N9    . DA  A 1 9  ? -3.679  -5.178  1.465   1.00 20.12 ? 9   DA  A N9    1 
ATOM   176 C  C8    . DA  A 1 9  ? -4.600  -4.446  2.170   1.00 18.31 ? 9   DA  A C8    1 
ATOM   177 N  N7    . DA  A 1 9  ? -4.330  -3.167  2.226   1.00 17.42 ? 9   DA  A N7    1 
ATOM   178 C  C5    . DA  A 1 9  ? -3.143  -3.045  1.504   1.00 17.71 ? 9   DA  A C5    1 
ATOM   179 C  C6    . DA  A 1 9  ? -2.344  -1.929  1.174   1.00 17.14 ? 9   DA  A C6    1 
ATOM   180 N  N6    . DA  A 1 9  ? -2.645  -0.658  1.526   1.00 16.95 ? 9   DA  A N6    1 
ATOM   181 N  N1    . DA  A 1 9  ? -1.217  -2.153  0.457   1.00 18.10 ? 9   DA  A N1    1 
ATOM   182 C  C2    . DA  A 1 9  ? -0.936  -3.425  0.082   1.00 16.86 ? 9   DA  A C2    1 
ATOM   183 N  N3    . DA  A 1 9  ? -1.619  -4.548  0.319   1.00 18.04 ? 9   DA  A N3    1 
ATOM   184 C  C4    . DA  A 1 9  ? -2.724  -4.286  1.047   1.00 18.24 ? 9   DA  A C4    1 
ATOM   185 P  P     . DT  A 1 10 ? -2.814  -10.549 2.339   1.00 29.58 ? 10  DT  A P     1 
ATOM   186 O  OP1   . DT  A 1 10 ? -2.674  -11.903 1.753   1.00 32.30 ? 10  DT  A OP1   1 
ATOM   187 O  OP2   . DT  A 1 10 ? -3.284  -10.388 3.731   1.00 31.57 ? 10  DT  A OP2   1 
ATOM   188 O  "O5'" . DT  A 1 10 ? -1.413  -9.825  2.256   1.00 28.53 ? 10  DT  A "O5'" 1 
ATOM   189 C  "C5'" . DT  A 1 10 ? -0.876  -9.473  1.000   1.00 26.85 ? 10  DT  A "C5'" 1 
ATOM   190 C  "C4'" . DT  A 1 10 ? 0.357   -8.630  1.182   1.00 25.60 ? 10  DT  A "C4'" 1 
ATOM   191 O  "O4'" . DT  A 1 10 ? -0.004  -7.252  1.451   1.00 25.33 ? 10  DT  A "O4'" 1 
ATOM   192 C  "C3'" . DT  A 1 10 ? 1.267   -9.078  2.325   1.00 27.02 ? 10  DT  A "C3'" 1 
ATOM   193 O  "O3'" . DT  A 1 10 ? 2.540   -9.375  1.790   1.00 27.88 ? 10  DT  A "O3'" 1 
ATOM   194 C  "C2'" . DT  A 1 10 ? 1.319   -7.874  3.260   1.00 25.32 ? 10  DT  A "C2'" 1 
ATOM   195 C  "C1'" . DT  A 1 10 ? 0.939   -6.713  2.350   1.00 23.54 ? 10  DT  A "C1'" 1 
ATOM   196 N  N1    . DT  A 1 10 ? 0.298   -5.559  3.022   1.00 19.97 ? 10  DT  A N1    1 
ATOM   197 C  C2    . DT  A 1 10 ? 0.837   -4.307  2.819   1.00 19.33 ? 10  DT  A C2    1 
ATOM   198 O  O2    . DT  A 1 10 ? 1.854   -4.105  2.184   1.00 19.14 ? 10  DT  A O2    1 
ATOM   199 N  N3    . DT  A 1 10 ? 0.132   -3.278  3.403   1.00 18.56 ? 10  DT  A N3    1 
ATOM   200 C  C4    . DT  A 1 10 ? -1.003  -3.382  4.168   1.00 17.57 ? 10  DT  A C4    1 
ATOM   201 O  O4    . DT  A 1 10 ? -1.553  -2.357  4.587   1.00 17.83 ? 10  DT  A O4    1 
ATOM   202 C  C5    . DT  A 1 10 ? -1.476  -4.728  4.395   1.00 18.42 ? 10  DT  A C5    1 
ATOM   203 C  C7    . DT  A 1 10 ? -2.669  -4.934  5.274   1.00 18.99 ? 10  DT  A C7    1 
ATOM   204 C  C6    . DT  A 1 10 ? -0.817  -5.736  3.805   1.00 19.68 ? 10  DT  A C6    1 
ATOM   205 P  P     . DT  A 1 11 ? 3.729   -9.850  2.748   1.00 30.47 ? 11  DT  A P     1 
ATOM   206 O  OP1   . DT  A 1 11 ? 4.440   -10.855 1.911   1.00 30.91 ? 11  DT  A OP1   1 
ATOM   207 O  OP2   . DT  A 1 11 ? 3.251   -10.219 4.108   1.00 29.72 ? 11  DT  A OP2   1 
ATOM   208 O  "O5'" . DT  A 1 11 ? 4.625   -8.542  2.812   1.00 28.54 ? 11  DT  A "O5'" 1 
ATOM   209 C  "C5'" . DT  A 1 11 ? 4.871   -7.820  1.616   1.00 26.51 ? 11  DT  A "C5'" 1 
ATOM   210 C  "C4'" . DT  A 1 11 ? 5.571   -6.519  1.913   1.00 25.85 ? 11  DT  A "C4'" 1 
ATOM   211 O  "O4'" . DT  A 1 11 ? 4.655   -5.559  2.495   1.00 23.14 ? 11  DT  A "O4'" 1 
ATOM   212 C  "C3'" . DT  A 1 11 ? 6.740   -6.660  2.885   1.00 25.22 ? 11  DT  A "C3'" 1 
ATOM   213 O  "O3'" . DT  A 1 11 ? 7.885   -6.092  2.267   1.00 28.21 ? 11  DT  A "O3'" 1 
ATOM   214 C  "C2'" . DT  A 1 11 ? 6.287   -5.898  4.130   1.00 23.58 ? 11  DT  A "C2'" 1 
ATOM   215 C  "C1'" . DT  A 1 11 ? 5.272   -4.895  3.593   1.00 22.65 ? 11  DT  A "C1'" 1 
ATOM   216 N  N1    . DT  A 1 11 ? 4.197   -4.519  4.544   1.00 19.13 ? 11  DT  A N1    1 
ATOM   217 C  C2    . DT  A 1 11 ? 3.934   -3.178  4.775   1.00 18.58 ? 11  DT  A C2    1 
ATOM   218 O  O2    . DT  A 1 11 ? 4.597   -2.275  4.321   1.00 18.47 ? 11  DT  A O2    1 
ATOM   219 N  N3    . DT  A 1 11 ? 2.848   -2.941  5.579   1.00 18.16 ? 11  DT  A N3    1 
ATOM   220 C  C4    . DT  A 1 11 ? 2.039   -3.879  6.187   1.00 17.68 ? 11  DT  A C4    1 
ATOM   221 O  O4    . DT  A 1 11 ? 1.079   -3.516  6.851   1.00 19.43 ? 11  DT  A O4    1 
ATOM   222 C  C5    . DT  A 1 11 ? 2.402   -5.245  5.959   1.00 19.32 ? 11  DT  A C5    1 
ATOM   223 C  C7    . DT  A 1 11 ? 1.597   -6.320  6.623   1.00 20.16 ? 11  DT  A C7    1 
ATOM   224 C  C6    . DT  A 1 11 ? 3.452   -5.496  5.155   1.00 18.32 ? 11  DT  A C6    1 
ATOM   225 P  P     . DT  A 1 12 ? 9.286   -6.066  3.042   1.00 30.32 ? 12  DT  A P     1 
ATOM   226 O  OP1   . DT  A 1 12 ? 10.332  -6.172  1.991   1.00 32.23 ? 12  DT  A OP1   1 
ATOM   227 O  OP2   . DT  A 1 12 ? 9.271   -7.026  4.165   1.00 30.62 ? 12  DT  A OP2   1 
ATOM   228 O  "O5'" . DT  A 1 12 ? 9.334   -4.576  3.597   1.00 29.08 ? 12  DT  A "O5'" 1 
ATOM   229 C  "C5'" . DT  A 1 12 ? 9.138   -3.497  2.690   1.00 27.44 ? 12  DT  A "C5'" 1 
ATOM   230 C  "C4'" . DT  A 1 12 ? 9.173   -2.173  3.416   1.00 26.64 ? 12  DT  A "C4'" 1 
ATOM   231 O  "O4'" . DT  A 1 12 ? 7.978   -2.004  4.220   1.00 25.55 ? 12  DT  A "O4'" 1 
ATOM   232 C  "C3'" . DT  A 1 12 ? 10.357  -2.016  4.364   1.00 26.43 ? 12  DT  A "C3'" 1 
ATOM   233 O  "O3'" . DT  A 1 12 ? 11.005  -0.778  4.093   1.00 29.29 ? 12  DT  A "O3'" 1 
ATOM   234 C  "C2'" . DT  A 1 12 ? 9.738   -2.071  5.759   1.00 25.49 ? 12  DT  A "C2'" 1 
ATOM   235 C  "C1'" . DT  A 1 12 ? 8.331   -1.545  5.524   1.00 23.77 ? 12  DT  A "C1'" 1 
ATOM   236 N  N1    . DT  A 1 12 ? 7.281   -2.024  6.467   1.00 21.34 ? 12  DT  A N1    1 
ATOM   237 C  C2    . DT  A 1 12 ? 6.428   -1.083  7.004   1.00 20.29 ? 12  DT  A C2    1 
ATOM   238 O  O2    . DT  A 1 12 ? 6.555   0.112   6.825   1.00 21.08 ? 12  DT  A O2    1 
ATOM   239 N  N3    . DT  A 1 12 ? 5.421   -1.598  7.773   1.00 19.40 ? 12  DT  A N3    1 
ATOM   240 C  C4    . DT  A 1 12 ? 5.191   -2.921  8.074   1.00 18.94 ? 12  DT  A C4    1 
ATOM   241 O  O4    . DT  A 1 12 ? 4.222   -3.236  8.747   1.00 18.90 ? 12  DT  A O4    1 
ATOM   242 C  C5    . DT  A 1 12 ? 6.151   -3.854  7.531   1.00 19.77 ? 12  DT  A C5    1 
ATOM   243 C  C7    . DT  A 1 12 ? 5.988   -5.304  7.848   1.00 20.65 ? 12  DT  A C7    1 
ATOM   244 C  C6    . DT  A 1 12 ? 7.140   -3.361  6.766   1.00 20.41 ? 12  DT  A C6    1 
ATOM   245 P  P     . DC  A 1 13 ? 12.437  -0.475  4.744   1.00 31.54 ? 13  DC  A P     1 
ATOM   246 O  OP1   . DC  A 1 13 ? 13.232  0.371   3.847   1.00 32.05 ? 13  DC  A OP1   1 
ATOM   247 O  OP2   . DC  A 1 13 ? 13.017  -1.717  5.307   1.00 30.71 ? 13  DC  A OP2   1 
ATOM   248 O  "O5'" . DC  A 1 13 ? 12.018  0.441   5.975   1.00 30.11 ? 13  DC  A "O5'" 1 
ATOM   249 C  "C5'" . DC  A 1 13 ? 11.164  1.535   5.755   1.00 28.78 ? 13  DC  A "C5'" 1 
ATOM   250 C  "C4'" . DC  A 1 13 ? 10.679  2.082   7.072   1.00 28.62 ? 13  DC  A "C4'" 1 
ATOM   251 O  "O4'" . DC  A 1 13 ? 9.643   1.230   7.613   1.00 26.42 ? 13  DC  A "O4'" 1 
ATOM   252 C  "C3'" . DC  A 1 13 ? 11.773  2.165   8.134   1.00 27.67 ? 13  DC  A "C3'" 1 
ATOM   253 O  "O3'" . DC  A 1 13 ? 11.969  3.527   8.474   1.00 29.17 ? 13  DC  A "O3'" 1 
ATOM   254 C  "C2'" . DC  A 1 13 ? 11.238  1.342   9.299   1.00 27.95 ? 13  DC  A "C2'" 1 
ATOM   255 C  "C1'" . DC  A 1 13 ? 9.734   1.241   9.025   1.00 25.84 ? 13  DC  A "C1'" 1 
ATOM   256 N  N1    . DC  A 1 13 ? 9.102   -0.004  9.525   1.00 23.75 ? 13  DC  A N1    1 
ATOM   257 C  C2    . DC  A 1 13 ? 7.880   0.073   10.230  1.00 22.23 ? 13  DC  A C2    1 
ATOM   258 O  O2    . DC  A 1 13 ? 7.373   1.174   10.429  1.00 22.41 ? 13  DC  A O2    1 
ATOM   259 N  N3    . DC  A 1 13 ? 7.291   -1.065  10.666  1.00 20.39 ? 13  DC  A N3    1 
ATOM   260 C  C4    . DC  A 1 13 ? 7.859   -2.243  10.423  1.00 19.41 ? 13  DC  A C4    1 
ATOM   261 N  N4    . DC  A 1 13 ? 7.232   -3.329  10.844  1.00 20.41 ? 13  DC  A N4    1 
ATOM   262 C  C5    . DC  A 1 13 ? 9.105   -2.355  9.726   1.00 21.02 ? 13  DC  A C5    1 
ATOM   263 C  C6    . DC  A 1 13 ? 9.683   -1.220  9.303   1.00 22.73 ? 13  DC  A C6    1 
ATOM   264 P  P     . DC  A 1 14 ? 13.233  3.956   9.369   1.00 28.42 ? 14  DC  A P     1 
ATOM   265 O  OP1   . DC  A 1 14 ? 13.740  5.222   8.809   1.00 29.07 ? 14  DC  A OP1   1 
ATOM   266 O  OP2   . DC  A 1 14 ? 14.163  2.838   9.624   1.00 28.94 ? 14  DC  A OP2   1 
ATOM   267 O  "O5'" . DC  A 1 14 ? 12.549  4.317   10.761  1.00 26.13 ? 14  DC  A "O5'" 1 
ATOM   268 C  "C5'" . DC  A 1 14 ? 11.536  5.316   10.804  1.00 25.21 ? 14  DC  A "C5'" 1 
ATOM   269 C  "C4'" . DC  A 1 14 ? 10.829  5.276   12.136  1.00 22.66 ? 14  DC  A "C4'" 1 
ATOM   270 O  "O4'" . DC  A 1 14 ? 10.047  4.062   12.260  1.00 21.54 ? 14  DC  A "O4'" 1 
ATOM   271 C  "C3'" . DC  A 1 14 ? 11.798  5.274   13.316  1.00 22.55 ? 14  DC  A "C3'" 1 
ATOM   272 O  "O3'" . DC  A 1 14 ? 11.174  5.972   14.389  1.00 23.58 ? 14  DC  A "O3'" 1 
ATOM   273 C  "C2'" . DC  A 1 14 ? 11.837  3.808   13.708  1.00 20.97 ? 14  DC  A "C2'" 1 
ATOM   274 C  "C1'" . DC  A 1 14 ? 10.376  3.453   13.499  1.00 20.43 ? 14  DC  A "C1'" 1 
ATOM   275 N  N1    . DC  A 1 14 ? 10.020  2.026   13.447  1.00 19.21 ? 14  DC  A N1    1 
ATOM   276 C  C2    . DC  A 1 14 ? 8.773   1.632   13.965  1.00 19.03 ? 14  DC  A C2    1 
ATOM   277 O  O2    . DC  A 1 14 ? 7.999   2.505   14.379  1.00 18.12 ? 14  DC  A O2    1 
ATOM   278 N  N3    . DC  A 1 14 ? 8.449   0.327   13.990  1.00 17.75 ? 14  DC  A N3    1 
ATOM   279 C  C4    . DC  A 1 14 ? 9.305   -0.586  13.507  1.00 18.31 ? 14  DC  A C4    1 
ATOM   280 N  N4    . DC  A 1 14 ? 8.950   -1.872  13.578  1.00 19.21 ? 14  DC  A N4    1 
ATOM   281 C  C5    . DC  A 1 14 ? 10.560  -0.214  12.936  1.00 18.84 ? 14  DC  A C5    1 
ATOM   282 C  C6    . DC  A 1 14 ? 10.878  1.088   12.927  1.00 19.53 ? 14  DC  A C6    1 
ATOM   283 P  P     . DA  A 1 15 ? 11.643  7.440   14.776  1.00 23.03 ? 15  DA  A P     1 
ATOM   284 O  OP1   . DA  A 1 15 ? 11.566  8.301   13.586  1.00 25.11 ? 15  DA  A OP1   1 
ATOM   285 O  OP2   . DA  A 1 15 ? 12.900  7.337   15.557  1.00 24.11 ? 15  DA  A OP2   1 
ATOM   286 O  "O5'" . DA  A 1 15 ? 10.447  7.885   15.741  1.00 22.20 ? 15  DA  A "O5'" 1 
ATOM   287 C  "C5'" . DA  A 1 15 ? 9.131   8.033   15.214  1.00 19.45 ? 15  DA  A "C5'" 1 
ATOM   288 C  "C4'" . DA  A 1 15 ? 8.101   7.684   16.261  1.00 17.99 ? 15  DA  A "C4'" 1 
ATOM   289 O  "O4'" . DA  A 1 15 ? 7.973   6.249   16.451  1.00 17.56 ? 15  DA  A "O4'" 1 
ATOM   290 C  "C3'" . DA  A 1 15 ? 8.426   8.249   17.629  1.00 16.95 ? 15  DA  A "C3'" 1 
ATOM   291 O  "O3'" . DA  A 1 15 ? 7.196   8.711   18.201  1.00 16.75 ? 15  DA  A "O3'" 1 
ATOM   292 C  "C2'" . DA  A 1 15 ? 9.063   7.066   18.358  1.00 17.41 ? 15  DA  A "C2'" 1 
ATOM   293 C  "C1'" . DA  A 1 15 ? 8.327   5.870   17.774  1.00 17.72 ? 15  DA  A "C1'" 1 
ATOM   294 N  N9    . DA  A 1 15 ? 9.089   4.625   17.632  1.00 17.26 ? 15  DA  A N9    1 
ATOM   295 C  C8    . DA  A 1 15 ? 10.363  4.493   17.153  1.00 18.39 ? 15  DA  A C8    1 
ATOM   296 N  N7    . DA  A 1 15 ? 10.726  3.246   16.962  1.00 18.74 ? 15  DA  A N7    1 
ATOM   297 C  C5    . DA  A 1 15 ? 9.630   2.505   17.381  1.00 16.60 ? 15  DA  A C5    1 
ATOM   298 C  C6    . DA  A 1 15 ? 9.380   1.112   17.437  1.00 16.98 ? 15  DA  A C6    1 
ATOM   299 N  N6    . DA  A 1 15 ? 10.232  0.175   16.998  1.00 17.54 ? 15  DA  A N6    1 
ATOM   300 N  N1    . DA  A 1 15 ? 8.205   0.708   17.955  1.00 17.17 ? 15  DA  A N1    1 
ATOM   301 C  C2    . DA  A 1 15 ? 7.327   1.635   18.362  1.00 17.68 ? 15  DA  A C2    1 
ATOM   302 N  N3    . DA  A 1 15 ? 7.439   2.966   18.345  1.00 17.68 ? 15  DA  A N3    1 
ATOM   303 C  C4    . DA  A 1 15 ? 8.628   3.341   17.837  1.00 16.57 ? 15  DA  A C4    1 
ATOM   304 P  P     . DG  A 1 16 ? 7.210   9.403   19.653  1.00 17.16 ? 16  DG  A P     1 
ATOM   305 O  OP1   . DG  A 1 16 ? 5.892   10.076  19.839  1.00 17.24 ? 16  DG  A OP1   1 
ATOM   306 O  OP2   . DG  A 1 16 ? 8.440   10.179  19.824  1.00 18.75 ? 16  DG  A OP2   1 
ATOM   307 O  "O5'" . DG  A 1 16 ? 7.310   8.171   20.650  1.00 15.37 ? 16  DG  A "O5'" 1 
ATOM   308 C  "C5'" . DG  A 1 16 ? 6.175   7.362   20.908  1.00 15.43 ? 16  DG  A "C5'" 1 
ATOM   309 C  "C4'" . DG  A 1 16 ? 6.545   6.239   21.841  1.00 14.52 ? 16  DG  A "C4'" 1 
ATOM   310 O  "O4'" . DG  A 1 16 ? 7.366   5.254   21.153  1.00 15.49 ? 16  DG  A "O4'" 1 
ATOM   311 C  "C3'" . DG  A 1 16 ? 7.328   6.668   23.081  1.00 13.99 ? 16  DG  A "C3'" 1 
ATOM   312 O  "O3'" . DG  A 1 16 ? 6.470   6.446   24.210  1.00 14.02 ? 16  DG  A "O3'" 1 
ATOM   313 C  "C2'" . DG  A 1 16 ? 8.550   5.752   23.069  1.00 15.69 ? 16  DG  A "C2'" 1 
ATOM   314 C  "C1'" . DG  A 1 16 ? 8.139   4.617   22.142  1.00 14.28 ? 16  DG  A "C1'" 1 
ATOM   315 N  N9    . DG  A 1 16 ? 9.232   3.905   21.476  1.00 14.84 ? 16  DG  A N9    1 
ATOM   316 C  C8    . DG  A 1 16 ? 10.364  4.455   20.922  1.00 14.79 ? 16  DG  A C8    1 
ATOM   317 N  N7    . DG  A 1 16 ? 11.189  3.554   20.431  1.00 14.67 ? 16  DG  A N7    1 
ATOM   318 C  C5    . DG  A 1 16 ? 10.558  2.339   20.661  1.00 14.43 ? 16  DG  A C5    1 
ATOM   319 C  C6    . DG  A 1 16 ? 10.984  1.021   20.373  1.00 14.75 ? 16  DG  A C6    1 
ATOM   320 O  O6    . DG  A 1 16 ? 12.057  0.657   19.858  1.00 15.40 ? 16  DG  A O6    1 
ATOM   321 N  N1    . DG  A 1 16 ? 10.043  0.075   20.773  1.00 15.28 ? 16  DG  A N1    1 
ATOM   322 C  C2    . DG  A 1 16 ? 8.851   0.364   21.394  1.00 15.42 ? 16  DG  A C2    1 
ATOM   323 N  N2    . DG  A 1 16 ? 8.102   -0.698  21.733  1.00 16.30 ? 16  DG  A N2    1 
ATOM   324 N  N3    . DG  A 1 16 ? 8.434   1.597   21.673  1.00 15.57 ? 16  DG  A N3    1 
ATOM   325 C  C4    . DG  A 1 16 ? 9.337   2.531   21.287  1.00 14.59 ? 16  DG  A C4    1 
ATOM   326 P  P     . DC  A 1 17 ? 6.965   6.746   25.683  1.00 15.29 ? 17  DC  A P     1 
ATOM   327 O  OP1   . DC  A 1 17 ? 5.734   7.070   26.454  1.00 14.81 ? 17  DC  A OP1   1 
ATOM   328 O  OP2   . DC  A 1 17 ? 8.101   7.680   25.710  1.00 15.94 ? 17  DC  A OP2   1 
ATOM   329 O  "O5'" . DC  A 1 17 ? 7.418   5.280   26.143  1.00 16.06 ? 17  DC  A "O5'" 1 
ATOM   330 C  "C5'" . DC  A 1 17 ? 6.455   4.219   26.068  1.00 16.62 ? 17  DC  A "C5'" 1 
ATOM   331 C  "C4'" . DC  A 1 17 ? 7.100   2.879   26.310  1.00 18.05 ? 17  DC  A "C4'" 1 
ATOM   332 O  "O4'" . DC  A 1 17 ? 7.990   2.578   25.203  1.00 19.01 ? 17  DC  A "O4'" 1 
ATOM   333 C  "C3'" . DC  A 1 17 ? 7.938   2.816   27.586  1.00 18.61 ? 17  DC  A "C3'" 1 
ATOM   334 O  "O3'" . DC  A 1 17 ? 7.538   1.841   28.553  1.00 21.52 ? 17  DC  A "O3'" 1 
ATOM   335 C  "C2'" . DC  A 1 17 ? 9.332   2.472   27.099  1.00 19.42 ? 17  DC  A "C2'" 1 
ATOM   336 C  "C1'" . DC  A 1 17 ? 9.072   1.861   25.746  1.00 18.16 ? 17  DC  A "C1'" 1 
ATOM   337 N  N1    . DC  A 1 17 ? 10.209  1.986   24.846  1.00 16.59 ? 17  DC  A N1    1 
ATOM   338 C  C2    . DC  A 1 17 ? 10.748  0.822   24.315  1.00 15.90 ? 17  DC  A C2    1 
ATOM   339 O  O2    . DC  A 1 17 ? 10.138  -0.243  24.496  1.00 16.83 ? 17  DC  A O2    1 
ATOM   340 N  N3    . DC  A 1 17 ? 11.899  0.889   23.615  1.00 14.84 ? 17  DC  A N3    1 
ATOM   341 C  C4    . DC  A 1 17 ? 12.477  2.070   23.384  1.00 15.47 ? 17  DC  A C4    1 
ATOM   342 N  N4    . DC  A 1 17 ? 13.636  2.099   22.699  1.00 17.50 ? 17  DC  A N4    1 
ATOM   343 C  C5    . DC  A 1 17 ? 11.896  3.287   23.843  1.00 16.10 ? 17  DC  A C5    1 
ATOM   344 C  C6    . DC  A 1 17 ? 10.775  3.197   24.571  1.00 16.86 ? 17  DC  A C6    1 
HETATM 345 CA CA    . CA  B 2 .  ? -0.306  1.829   -23.584 0.33 17.37 ? 201 CA  A CA    1 
HETATM 346 CA CA    . CA  C 2 .  ? -14.739 4.576   -4.134  0.33 16.93 ? 202 CA  A CA    1 
HETATM 347 CA CA    . CA  D 2 .  ? -12.001 4.946   0.445   0.33 19.21 ? 203 CA  A CA    1 
HETATM 348 CA CA    . CA  E 2 .  ? 4.866   7.228   28.651  0.33 14.20 ? 204 CA  A CA    1 
HETATM 349 CA CA    . CA  F 2 .  ? 4.919   11.494  21.364  1.00 22.60 ? 205 CA  A CA    1 
HETATM 350 CA CA    . CA  G 2 .  ? 6.914   6.134   9.802   0.50 26.06 ? 206 CA  A CA    1 
HETATM 351 O  O     . HOH H 3 .  ? -3.192  -6.339  -21.070 1.00 33.39 ? 207 HOH A O     1 
HETATM 352 O  O     . HOH H 3 .  ? -2.721  -1.351  -19.207 1.00 36.71 ? 208 HOH A O     1 
HETATM 353 O  O     . HOH H 3 .  ? -1.265  -3.794  -24.428 1.00 32.32 ? 209 HOH A O     1 
HETATM 354 O  O     . HOH H 3 .  ? -3.064  2.256   -15.581 1.00 48.23 ? 210 HOH A O     1 
HETATM 355 O  O     . HOH H 3 .  ? -0.758  2.213   -19.130 1.00 31.89 ? 211 HOH A O     1 
HETATM 356 O  O     . HOH H 3 .  ? -2.841  6.115   -14.101 1.00 44.35 ? 212 HOH A O     1 
HETATM 357 O  O     . HOH H 3 .  ? -5.202  6.273   -10.935 1.00 38.09 ? 213 HOH A O     1 
HETATM 358 O  O     . HOH H 3 .  ? -9.025  10.032  -10.086 1.00 50.19 ? 214 HOH A O     1 
HETATM 359 O  O     . HOH H 3 .  ? -5.144  -11.495 -22.664 1.00 44.62 ? 215 HOH A O     1 
HETATM 360 O  O     . HOH H 3 .  ? -9.414  10.775  -6.286  1.00 39.07 ? 216 HOH A O     1 
HETATM 361 O  O     . HOH H 3 .  ? -8.164  4.861   -1.369  1.00 27.32 ? 217 HOH A O     1 
HETATM 362 O  O     . HOH H 3 .  ? -12.589 -1.010  4.023   1.00 44.20 ? 218 HOH A O     1 
HETATM 363 O  O     . HOH H 3 .  ? -6.067  -5.783  4.762   1.00 47.26 ? 219 HOH A O     1 
HETATM 364 O  O     . HOH H 3 .  ? -1.176  -8.581  5.466   1.00 36.45 ? 220 HOH A O     1 
HETATM 365 O  O     . HOH H 3 .  ? 4.863   -8.333  6.130   1.00 30.48 ? 221 HOH A O     1 
HETATM 366 O  O     . HOH H 3 .  ? 7.678   -8.615  5.707   1.00 38.20 ? 222 HOH A O     1 
HETATM 367 O  O     . HOH H 3 .  ? 15.492  1.598   7.297   1.00 44.55 ? 223 HOH A O     1 
HETATM 368 O  O     . HOH H 3 .  ? 13.898  1.052   11.443  1.00 42.07 ? 224 HOH A O     1 
HETATM 369 O  O     . HOH H 3 .  ? 12.715  7.298   18.759  1.00 40.86 ? 225 HOH A O     1 
HETATM 370 O  O     . HOH H 3 .  ? 10.384  11.448  18.026  1.00 33.21 ? 226 HOH A O     1 
HETATM 371 O  O     . HOH H 3 .  ? 10.070  9.674   22.077  1.00 25.98 ? 227 HOH A O     1 
HETATM 372 O  O     . HOH H 3 .  ? 8.371   9.902   24.201  1.00 21.29 ? 228 HOH A O     1 
HETATM 373 O  O     . HOH H 3 .  ? 8.589   9.351   27.790  1.00 17.03 ? 229 HOH A O     1 
HETATM 374 O  O     . HOH H 3 .  ? -7.744  -6.918  -27.665 1.00 28.93 ? 230 HOH A O     1 
HETATM 375 O  O     . HOH H 3 .  ? -9.757  -7.677  -24.039 1.00 25.66 ? 231 HOH A O     1 
HETATM 376 O  O     . HOH H 3 .  ? -3.544  7.918   -17.340 1.00 36.69 ? 232 HOH A O     1 
HETATM 377 O  O     . HOH H 3 .  ? -3.865  6.213   -21.197 1.00 25.45 ? 233 HOH A O     1 
HETATM 378 O  O     . HOH H 3 .  ? -7.265  11.122  -15.004 1.00 37.93 ? 234 HOH A O     1 
HETATM 379 O  O     . HOH H 3 .  ? -14.483 8.665   -6.345  1.00 33.39 ? 235 HOH A O     1 
HETATM 380 O  O     . HOH H 3 .  ? -14.048 6.012   -9.958  1.00 31.36 ? 236 HOH A O     1 
HETATM 381 O  O     . HOH H 3 .  ? -15.921 -3.558  1.732   1.00 28.01 ? 237 HOH A O     1 
HETATM 382 O  O     . HOH H 3 .  ? -7.456  8.103   -7.432  1.00 32.76 ? 238 HOH A O     1 
HETATM 383 O  O     . HOH H 3 .  ? 7.551   -10.572 1.146   1.00 42.95 ? 239 HOH A O     1 
HETATM 384 O  O     . HOH H 3 .  ? 12.917  -5.495  2.812   1.00 44.27 ? 240 HOH A O     1 
HETATM 385 O  O     . HOH H 3 .  ? 16.176  2.069   3.658   1.00 48.23 ? 241 HOH A O     1 
HETATM 386 O  O     . HOH H 3 .  ? 16.385  5.068   7.395   1.00 44.57 ? 242 HOH A O     1 
HETATM 387 O  O     . HOH H 3 .  ? 9.771   9.017   11.700  1.00 38.31 ? 243 HOH A O     1 
HETATM 388 O  O     . HOH H 3 .  ? 12.589  9.337   10.240  1.00 48.18 ? 244 HOH A O     1 
HETATM 389 O  O     . HOH H 3 .  ? 3.877   8.287   24.416  1.00 19.24 ? 245 HOH A O     1 
HETATM 390 O  O     . HOH H 3 .  ? -6.966  10.023  -11.398 1.00 45.41 ? 246 HOH A O     1 
HETATM 391 O  O     . HOH H 3 .  ? -12.851 -7.514  -20.996 0.5  43.71 ? 247 HOH A O     1 
HETATM 392 O  O     . HOH H 3 .  ? -8.750  -8.112  -21.404 1.00 44.78 ? 248 HOH A O     1 
HETATM 393 O  O     . HOH H 3 .  ? -7.009  -6.444  -18.106 1.00 27.30 ? 249 HOH A O     1 
HETATM 394 O  O     . HOH H 3 .  ? -5.203  -3.899  -15.294 1.00 23.82 ? 250 HOH A O     1 
HETATM 395 O  O     . HOH H 3 .  ? -3.362  -0.114  -12.138 1.00 26.45 ? 251 HOH A O     1 
HETATM 396 O  O     . HOH H 3 .  ? -3.766  2.901   -12.743 1.00 39.15 ? 252 HOH A O     1 
HETATM 397 O  O     . HOH H 3 .  ? 3.287   -5.529  10.124  1.00 34.39 ? 253 HOH A O     1 
HETATM 398 O  O     . HOH H 3 .  ? -3.486  4.070   -9.333  1.00 33.95 ? 254 HOH A O     1 
HETATM 399 O  O     . HOH H 3 .  ? -4.805  3.166   -4.141  1.00 30.68 ? 255 HOH A O     1 
HETATM 400 O  O     . HOH H 3 .  ? -4.310  3.214   -0.831  1.00 40.40 ? 256 HOH A O     1 
HETATM 401 O  O     . HOH H 3 .  ? -5.651  1.776   0.715   1.00 44.55 ? 257 HOH A O     1 
HETATM 402 O  O     . HOH H 3 .  ? -4.675  0.993   3.072   1.00 31.66 ? 258 HOH A O     1 
HETATM 403 O  O     . HOH H 3 .  ? -5.696  -1.394  3.718   1.00 34.70 ? 259 HOH A O     1 
HETATM 404 O  O     . HOH H 3 .  ? -3.678  -1.711  6.214   1.00 31.49 ? 260 HOH A O     1 
HETATM 405 O  O     . HOH H 3 .  ? -0.805  -4.382  8.557   1.00 30.69 ? 261 HOH A O     1 
HETATM 406 O  O     . HOH H 3 .  ? 8.671   -5.814  10.226  1.00 32.36 ? 262 HOH A O     1 
HETATM 407 O  O     . HOH H 3 .  ? 10.916  -3.842  12.822  1.00 29.59 ? 263 HOH A O     1 
HETATM 408 O  O     . HOH H 3 .  ? 13.236  0.611   15.913  1.00 45.24 ? 264 HOH A O     1 
HETATM 409 O  O     . HOH H 3 .  ? 13.653  1.838   18.127  1.00 42.14 ? 265 HOH A O     1 
HETATM 410 O  O     . HOH H 3 .  ? 13.569  4.436   19.459  1.00 24.05 ? 266 HOH A O     1 
HETATM 411 O  O     . HOH H 3 .  ? -2.193  3.610   -6.565  1.00 36.61 ? 267 HOH A O     1 
HETATM 412 O  O     . HOH H 3 .  ? -10.130 -7.328  -18.358 1.00 49.86 ? 268 HOH A O     1 
HETATM 413 O  O     . HOH H 3 .  ? -10.439 0.322   -6.340  1.00 31.34 ? 269 HOH A O     1 
HETATM 414 O  O     . HOH H 3 .  ? -12.162 1.996   -9.516  1.00 26.11 ? 270 HOH A O     1 
HETATM 415 O  O     . HOH H 3 .  ? -10.835 -2.227  -6.062  1.00 36.25 ? 271 HOH A O     1 
HETATM 416 O  O     . HOH H 3 .  ? 5.940   -0.793  2.342   1.00 21.66 ? 272 HOH A O     1 
HETATM 417 O  O     . HOH H 3 .  ? 3.453   -4.160  -0.083  0.5  27.72 ? 273 HOH A O     1 
HETATM 418 O  O     . HOH H 3 .  ? 6.254   2.502   5.615   1.00 28.67 ? 274 HOH A O     1 
HETATM 419 O  O     . HOH H 3 .  ? 7.494   1.173   2.957   1.00 30.49 ? 275 HOH A O     1 
HETATM 420 O  O     . HOH H 3 .  ? 6.929   4.863   13.840  1.00 33.05 ? 276 HOH A O     1 
HETATM 421 O  O     . HOH H 3 .  ? 5.028   3.818   19.318  1.00 23.06 ? 277 HOH A O     1 
HETATM 422 O  O     . HOH H 3 .  ? 7.994   -1.948  25.114  1.00 30.53 ? 278 HOH A O     1 
HETATM 423 O  O     . HOH H 3 .  ? 2.489   -6.531  -1.296  1.00 34.07 ? 279 HOH A O     1 
HETATM 424 O  O     . HOH H 3 .  ? 1.956   -5.912  -27.763 1.00 37.48 ? 280 HOH A O     1 
HETATM 425 O  O     . HOH H 3 .  ? -9.728  3.123   -18.598 1.00 39.21 ? 281 HOH A O     1 
HETATM 426 O  O     . HOH H 3 .  ? 3.057   -11.851 -27.658 1.00 39.49 ? 282 HOH A O     1 
HETATM 427 O  O     . HOH H 3 .  ? 14.424  1.286   13.849  1.00 40.50 ? 283 HOH A O     1 
HETATM 428 O  O     . HOH H 3 .  ? 9.921   -5.683  7.718   1.00 43.38 ? 284 HOH A O     1 
HETATM 429 O  O     . HOH H 3 .  ? -14.811 3.760   -8.459  1.00 38.16 ? 285 HOH A O     1 
HETATM 430 O  O     . HOH H 3 .  ? -2.283  -2.285  -13.305 1.00 42.13 ? 286 HOH A O     1 
HETATM 431 O  O     . HOH H 3 .  ? -6.456  -6.625  -15.582 1.00 40.00 ? 287 HOH A O     1 
HETATM 432 O  O     . HOH H 3 .  ? -3.345  -3.589  -17.542 1.00 30.79 ? 288 HOH A O     1 
HETATM 433 O  O     . HOH H 3 .  ? 3.885   -8.342  8.759   1.00 34.20 ? 289 HOH A O     1 
HETATM 434 O  O     . HOH H 3 .  ? -5.792  8.731   -9.033  1.00 40.57 ? 290 HOH A O     1 
HETATM 435 O  O     . HOH H 3 .  ? -13.419 1.597   4.562   1.00 35.81 ? 291 HOH A O     1 
HETATM 436 O  O     . HOH H 3 .  ? 15.573  4.335   14.318  1.00 48.90 ? 292 HOH A O     1 
HETATM 437 O  O     . HOH H 3 .  ? -5.196  -7.933  5.840   1.00 44.38 ? 293 HOH A O     1 
HETATM 438 O  O     . HOH H 3 .  ? 3.184   5.823   20.133  1.00 32.17 ? 294 HOH A O     1 
HETATM 439 O  O     . HOH H 3 .  ? 12.960  -1.728  10.479  1.00 47.16 ? 295 HOH A O     1 
HETATM 440 O  O     . HOH H 3 .  ? 7.175   -8.423  10.104  1.00 45.09 ? 296 HOH A O     1 
HETATM 441 O  O     . HOH H 3 .  ? -1.140  2.705   -21.730 1.00 19.42 ? 297 HOH A O     1 
HETATM 442 O  O     . HOH H 3 .  ? -14.695 5.980   -5.883  1.00 19.36 ? 298 HOH A O     1 
HETATM 443 O  O     . HOH H 3 .  ? -10.292 6.402   0.846   1.00 21.52 ? 299 HOH A O     1 
HETATM 444 O  O     . HOH H 3 .  ? 6.284   8.845   29.249  1.00 13.65 ? 300 HOH A O     1 
HETATM 445 O  O     . HOH H 3 .  ? 5.533   10.175  23.116  1.00 16.93 ? 301 HOH A O     1 
HETATM 446 O  O     . HOH H 3 .  ? 6.071   12.888  22.690  1.00 40.23 ? 302 HOH A O     1 
HETATM 447 O  O     . HOH H 3 .  ? 3.113   9.753   21.832  1.00 36.29 ? 303 HOH A O     1 
HETATM 448 O  O     . HOH H 3 .  ? 3.074   12.555  22.478  1.00 25.78 ? 304 HOH A O     1 
HETATM 449 O  O     . HOH H 3 .  ? 3.731   12.670  19.591  1.00 22.73 ? 305 HOH A O     1 
HETATM 450 O  O     . HOH H 3 .  ? -11.287 3.517   -15.183 1.00 36.88 ? 306 HOH A O     1 
HETATM 451 O  O     . HOH H 3 .  ? 8.012   7.116   11.736  0.50 37.64 ? 307 HOH A O     1 
HETATM 452 O  O     . HOH H 3 .  ? 9.006   7.468   9.738   0.50 33.26 ? 308 HOH A O     1 
HETATM 453 O  O     . HOH H 3 .  ? 7.766   4.857   8.572   0.50 34.97 ? 309 HOH A O     1 
HETATM 454 O  O     . HOH H 3 .  ? 7.577   3.844   10.932  0.50 19.84 ? 310 HOH A O     1 
HETATM 455 O  O     . HOH H 3 .  ? 5.855   8.179   9.870   0.50 25.00 ? 311 HOH A O     1 
HETATM 456 O  O     . HOH H 3 .  ? 6.304   5.810   11.609  0.50 15.41 ? 312 HOH A O     1 
HETATM 457 O  O     . HOH H 3 .  ? 5.177   4.797   9.364   0.50 17.59 ? 313 HOH A O     1 
# 
loop_
_pdbx_poly_seq_scheme.asym_id 
_pdbx_poly_seq_scheme.entity_id 
_pdbx_poly_seq_scheme.seq_id 
_pdbx_poly_seq_scheme.mon_id 
_pdbx_poly_seq_scheme.ndb_seq_num 
_pdbx_poly_seq_scheme.pdb_seq_num 
_pdbx_poly_seq_scheme.auth_seq_num 
_pdbx_poly_seq_scheme.pdb_mon_id 
_pdbx_poly_seq_scheme.auth_mon_id 
_pdbx_poly_seq_scheme.pdb_strand_id 
_pdbx_poly_seq_scheme.pdb_ins_code 
_pdbx_poly_seq_scheme.hetero 
A 1 1  DC 1  1  1  DC CYT A . n 
A 1 2  DG 2  2  2  DG GUA A . n 
A 1 3  DC 3  3  3  DC CYT A . n 
A 1 4  DT 4  4  4  DT THY A . n 
A 1 5  DG 5  5  5  DG GUA A . n 
A 1 6  DG 6  6  6  DG GUA A . n 
A 1 7  DA 7  7  7  DA ADE A . n 
A 1 8  DA 8  8  8  DA ADE A . n 
A 1 9  DA 9  9  9  DA ADE A . n 
A 1 10 DT 10 10 10 DT THY A . n 
A 1 11 DT 11 11 11 DT THY A . n 
A 1 12 DT 12 12 12 DT THY A . n 
A 1 13 DC 13 13 13 DC CYT A . n 
A 1 14 DC 14 14 14 DC CYT A . n 
A 1 15 DA 15 15 15 DA ADE A . n 
A 1 16 DG 16 16 16 DG GUA A . n 
A 1 17 DC 17 17 17 DC CYT A . n 
# 
loop_
_pdbx_nonpoly_scheme.asym_id 
_pdbx_nonpoly_scheme.entity_id 
_pdbx_nonpoly_scheme.mon_id 
_pdbx_nonpoly_scheme.ndb_seq_num 
_pdbx_nonpoly_scheme.pdb_seq_num 
_pdbx_nonpoly_scheme.auth_seq_num 
_pdbx_nonpoly_scheme.pdb_mon_id 
_pdbx_nonpoly_scheme.auth_mon_id 
_pdbx_nonpoly_scheme.pdb_strand_id 
_pdbx_nonpoly_scheme.pdb_ins_code 
B 2 CA  1   201 1   CA  CA2 A . 
C 2 CA  1   202 2   CA  CA2 A . 
D 2 CA  1   203 3   CA  CA2 A . 
E 2 CA  1   204 4   CA  CA2 A . 
F 2 CA  1   205 5   CA  CA2 A . 
G 2 CA  1   206 6   CA  CA2 A . 
H 3 HOH 1   207 101 HOH TIP A . 
H 3 HOH 2   208 102 HOH TIP A . 
H 3 HOH 3   209 103 HOH TIP A . 
H 3 HOH 4   210 104 HOH TIP A . 
H 3 HOH 5   211 105 HOH TIP A . 
H 3 HOH 6   212 106 HOH TIP A . 
H 3 HOH 7   213 107 HOH TIP A . 
H 3 HOH 8   214 108 HOH TIP A . 
H 3 HOH 9   215 109 HOH TIP A . 
H 3 HOH 10  216 110 HOH TIP A . 
H 3 HOH 11  217 111 HOH TIP A . 
H 3 HOH 12  218 112 HOH TIP A . 
H 3 HOH 13  219 113 HOH TIP A . 
H 3 HOH 14  220 114 HOH TIP A . 
H 3 HOH 15  221 115 HOH TIP A . 
H 3 HOH 16  222 116 HOH TIP A . 
H 3 HOH 17  223 117 HOH TIP A . 
H 3 HOH 18  224 118 HOH TIP A . 
H 3 HOH 19  225 119 HOH TIP A . 
H 3 HOH 20  226 120 HOH TIP A . 
H 3 HOH 21  227 121 HOH TIP A . 
H 3 HOH 22  228 122 HOH TIP A . 
H 3 HOH 23  229 123 HOH TIP A . 
H 3 HOH 24  230 124 HOH TIP A . 
H 3 HOH 25  231 125 HOH TIP A . 
H 3 HOH 26  232 126 HOH TIP A . 
H 3 HOH 27  233 127 HOH TIP A . 
H 3 HOH 28  234 128 HOH TIP A . 
H 3 HOH 29  235 129 HOH TIP A . 
H 3 HOH 30  236 130 HOH TIP A . 
H 3 HOH 31  237 131 HOH TIP A . 
H 3 HOH 32  238 132 HOH TIP A . 
H 3 HOH 33  239 133 HOH TIP A . 
H 3 HOH 34  240 134 HOH TIP A . 
H 3 HOH 35  241 135 HOH TIP A . 
H 3 HOH 36  242 136 HOH TIP A . 
H 3 HOH 37  243 137 HOH TIP A . 
H 3 HOH 38  244 138 HOH TIP A . 
H 3 HOH 39  245 139 HOH TIP A . 
H 3 HOH 40  246 140 HOH TIP A . 
H 3 HOH 41  247 141 HOH TIP A . 
H 3 HOH 42  248 142 HOH TIP A . 
H 3 HOH 43  249 143 HOH TIP A . 
H 3 HOH 44  250 144 HOH TIP A . 
H 3 HOH 45  251 145 HOH TIP A . 
H 3 HOH 46  252 146 HOH TIP A . 
H 3 HOH 47  253 147 HOH TIP A . 
H 3 HOH 48  254 148 HOH TIP A . 
H 3 HOH 49  255 149 HOH TIP A . 
H 3 HOH 50  256 150 HOH TIP A . 
H 3 HOH 51  257 151 HOH TIP A . 
H 3 HOH 52  258 152 HOH TIP A . 
H 3 HOH 53  259 153 HOH TIP A . 
H 3 HOH 54  260 154 HOH TIP A . 
H 3 HOH 55  261 155 HOH TIP A . 
H 3 HOH 56  262 156 HOH TIP A . 
H 3 HOH 57  263 157 HOH TIP A . 
H 3 HOH 58  264 158 HOH TIP A . 
H 3 HOH 59  265 159 HOH TIP A . 
H 3 HOH 60  266 160 HOH TIP A . 
H 3 HOH 61  267 161 HOH TIP A . 
H 3 HOH 62  268 162 HOH TIP A . 
H 3 HOH 63  269 163 HOH TIP A . 
H 3 HOH 64  270 164 HOH TIP A . 
H 3 HOH 65  271 165 HOH TIP A . 
H 3 HOH 66  272 166 HOH TIP A . 
H 3 HOH 67  273 167 HOH TIP A . 
H 3 HOH 68  274 168 HOH TIP A . 
H 3 HOH 69  275 169 HOH TIP A . 
H 3 HOH 70  276 170 HOH TIP A . 
H 3 HOH 71  277 171 HOH TIP A . 
H 3 HOH 72  278 172 HOH TIP A . 
H 3 HOH 73  279 173 HOH TIP A . 
H 3 HOH 74  280 174 HOH TIP A . 
H 3 HOH 75  281 175 HOH TIP A . 
H 3 HOH 76  282 176 HOH TIP A . 
H 3 HOH 77  283 177 HOH TIP A . 
H 3 HOH 78  284 178 HOH TIP A . 
H 3 HOH 79  285 179 HOH TIP A . 
H 3 HOH 80  286 180 HOH TIP A . 
H 3 HOH 81  287 181 HOH TIP A . 
H 3 HOH 82  288 182 HOH TIP A . 
H 3 HOH 83  289 183 HOH TIP A . 
H 3 HOH 84  290 184 HOH TIP A . 
H 3 HOH 85  291 185 HOH TIP A . 
H 3 HOH 86  292 186 HOH TIP A . 
H 3 HOH 87  293 187 HOH TIP A . 
H 3 HOH 88  294 188 HOH TIP A . 
H 3 HOH 89  295 189 HOH TIP A . 
H 3 HOH 90  296 190 HOH TIP A . 
H 3 HOH 91  297 1   HOH TIP A . 
H 3 HOH 92  298 2   HOH TIP A . 
H 3 HOH 93  299 3   HOH TIP A . 
H 3 HOH 94  300 4   HOH TIP A . 
H 3 HOH 95  301 51  HOH TIP A . 
H 3 HOH 96  302 52  HOH TIP A . 
H 3 HOH 97  303 53  HOH TIP A . 
H 3 HOH 98  304 54  HOH TIP A . 
H 3 HOH 99  305 55  HOH TIP A . 
H 3 HOH 100 306 56  HOH TIP A . 
H 3 HOH 101 307 61  HOH TIP A . 
H 3 HOH 102 308 62  HOH TIP A . 
H 3 HOH 103 309 63  HOH TIP A . 
H 3 HOH 104 310 64  HOH TIP A . 
H 3 HOH 105 311 65  HOH TIP A . 
H 3 HOH 106 312 66  HOH TIP A . 
H 3 HOH 107 313 67  HOH TIP A . 
# 
_pdbx_struct_assembly.id                   1 
_pdbx_struct_assembly.details              author_defined_assembly 
_pdbx_struct_assembly.method_details       ? 
_pdbx_struct_assembly.oligomeric_details   dimeric 
_pdbx_struct_assembly.oligomeric_count     2 
# 
_pdbx_struct_assembly_gen.assembly_id       1 
_pdbx_struct_assembly_gen.oper_expression   1,2 
_pdbx_struct_assembly_gen.asym_id_list      A,B,C,D,E,F,G,H 
# 
loop_
_pdbx_struct_oper_list.id 
_pdbx_struct_oper_list.type 
_pdbx_struct_oper_list.name 
_pdbx_struct_oper_list.symmetry_operation 
_pdbx_struct_oper_list.matrix[1][1] 
_pdbx_struct_oper_list.matrix[1][2] 
_pdbx_struct_oper_list.matrix[1][3] 
_pdbx_struct_oper_list.vector[1] 
_pdbx_struct_oper_list.matrix[2][1] 
_pdbx_struct_oper_list.matrix[2][2] 
_pdbx_struct_oper_list.matrix[2][3] 
_pdbx_struct_oper_list.vector[2] 
_pdbx_struct_oper_list.matrix[3][1] 
_pdbx_struct_oper_list.matrix[3][2] 
_pdbx_struct_oper_list.matrix[3][3] 
_pdbx_struct_oper_list.vector[3] 
1 'identity operation'         1_555  x,y,z                 1.0000000000 0.0000000000  0.0000000000  0.0000000000  0.0000000000  1.0000000000  0.0000000000 0.0000000000  0.0000000000  0.0000000000 1.0000000000  0.0000000000 
2 'crystal symmetry operation' 17_435 x-y-2/3,-y-4/3,-z+2/3 0.0383529884 -0.8318877494 -0.5536170343 -0.1866505029 -0.8318877494 -0.3335241142 0.4435362866 -2.6391023974 -0.5536170343 0.4435362866 -0.7048288741 3.6155459867 
# 
loop_
_pdbx_struct_special_symmetry.id 
_pdbx_struct_special_symmetry.PDB_model_num 
_pdbx_struct_special_symmetry.auth_asym_id 
_pdbx_struct_special_symmetry.auth_comp_id 
_pdbx_struct_special_symmetry.auth_seq_id 
_pdbx_struct_special_symmetry.PDB_ins_code 
_pdbx_struct_special_symmetry.label_asym_id 
_pdbx_struct_special_symmetry.label_comp_id 
_pdbx_struct_special_symmetry.label_seq_id 
1 1 A CA  201 ? B CA  . 
2 1 A CA  202 ? C CA  . 
3 1 A CA  203 ? D CA  . 
4 1 A CA  204 ? E CA  . 
5 1 A HOH 247 ? H HOH . 
6 1 A HOH 273 ? H HOH . 
# 
loop_
_pdbx_struct_conn_angle.id 
_pdbx_struct_conn_angle.ptnr1_label_atom_id 
_pdbx_struct_conn_angle.ptnr1_label_alt_id 
_pdbx_struct_conn_angle.ptnr1_label_asym_id 
_pdbx_struct_conn_angle.ptnr1_label_comp_id 
_pdbx_struct_conn_angle.ptnr1_label_seq_id 
_pdbx_struct_conn_angle.ptnr1_auth_atom_id 
_pdbx_struct_conn_angle.ptnr1_auth_asym_id 
_pdbx_struct_conn_angle.ptnr1_auth_comp_id 
_pdbx_struct_conn_angle.ptnr1_auth_seq_id 
_pdbx_struct_conn_angle.ptnr1_PDB_ins_code 
_pdbx_struct_conn_angle.ptnr1_symmetry 
_pdbx_struct_conn_angle.ptnr2_label_atom_id 
_pdbx_struct_conn_angle.ptnr2_label_alt_id 
_pdbx_struct_conn_angle.ptnr2_label_asym_id 
_pdbx_struct_conn_angle.ptnr2_label_comp_id 
_pdbx_struct_conn_angle.ptnr2_label_seq_id 
_pdbx_struct_conn_angle.ptnr2_auth_atom_id 
_pdbx_struct_conn_angle.ptnr2_auth_asym_id 
_pdbx_struct_conn_angle.ptnr2_auth_comp_id 
_pdbx_struct_conn_angle.ptnr2_auth_seq_id 
_pdbx_struct_conn_angle.ptnr2_PDB_ins_code 
_pdbx_struct_conn_angle.ptnr2_symmetry 
_pdbx_struct_conn_angle.ptnr3_label_atom_id 
_pdbx_struct_conn_angle.ptnr3_label_alt_id 
_pdbx_struct_conn_angle.ptnr3_label_asym_id 
_pdbx_struct_conn_angle.ptnr3_label_comp_id 
_pdbx_struct_conn_angle.ptnr3_label_seq_id 
_pdbx_struct_conn_angle.ptnr3_auth_atom_id 
_pdbx_struct_conn_angle.ptnr3_auth_asym_id 
_pdbx_struct_conn_angle.ptnr3_auth_comp_id 
_pdbx_struct_conn_angle.ptnr3_auth_seq_id 
_pdbx_struct_conn_angle.ptnr3_PDB_ins_code 
_pdbx_struct_conn_angle.ptnr3_symmetry 
_pdbx_struct_conn_angle.value 
_pdbx_struct_conn_angle.value_esd 
1   OP1 ? A DC  3  ? A DC  3   ? 1_555  CA ? B CA . ? A CA 201 ? 1_555 OP1 ? A DC  3  ? A DC  3   ? 2_455  93.5  ? 
2   OP1 ? A DC  3  ? A DC  3   ? 1_555  CA ? B CA . ? A CA 201 ? 1_555 OP1 ? A DC  3  ? A DC  3   ? 3_445  93.5  ? 
3   OP1 ? A DC  3  ? A DC  3   ? 2_455  CA ? B CA . ? A CA 201 ? 1_555 OP1 ? A DC  3  ? A DC  3   ? 3_445  93.5  ? 
4   OP1 ? A DC  3  ? A DC  3   ? 1_555  CA ? B CA . ? A CA 201 ? 1_555 O   ? H HOH .  ? A HOH 297 ? 1_555  90.2  ? 
5   OP1 ? A DC  3  ? A DC  3   ? 2_455  CA ? B CA . ? A CA 201 ? 1_555 O   ? H HOH .  ? A HOH 297 ? 1_555  84.0  ? 
6   OP1 ? A DC  3  ? A DC  3   ? 3_445  CA ? B CA . ? A CA 201 ? 1_555 O   ? H HOH .  ? A HOH 297 ? 1_555  175.6 ? 
7   OP1 ? A DC  3  ? A DC  3   ? 1_555  CA ? B CA . ? A CA 201 ? 1_555 O   ? H HOH .  ? A HOH 297 ? 3_445  83.9  ? 
8   OP1 ? A DC  3  ? A DC  3   ? 2_455  CA ? B CA . ? A CA 201 ? 1_555 O   ? H HOH .  ? A HOH 297 ? 3_445  175.6 ? 
9   OP1 ? A DC  3  ? A DC  3   ? 3_445  CA ? B CA . ? A CA 201 ? 1_555 O   ? H HOH .  ? A HOH 297 ? 3_445  90.2  ? 
10  O   ? H HOH .  ? A HOH 297 ? 1_555  CA ? B CA . ? A CA 201 ? 1_555 O   ? H HOH .  ? A HOH 297 ? 3_445  92.5  ? 
11  OP1 ? A DC  3  ? A DC  3   ? 1_555  CA ? B CA . ? A CA 201 ? 1_555 O   ? H HOH .  ? A HOH 297 ? 2_455  175.6 ? 
12  OP1 ? A DC  3  ? A DC  3   ? 2_455  CA ? B CA . ? A CA 201 ? 1_555 O   ? H HOH .  ? A HOH 297 ? 2_455  90.2  ? 
13  OP1 ? A DC  3  ? A DC  3   ? 3_445  CA ? B CA . ? A CA 201 ? 1_555 O   ? H HOH .  ? A HOH 297 ? 2_455  84.0  ? 
14  O   ? H HOH .  ? A HOH 297 ? 1_555  CA ? B CA . ? A CA 201 ? 1_555 O   ? H HOH .  ? A HOH 297 ? 2_455  92.5  ? 
15  O   ? H HOH .  ? A HOH 297 ? 3_445  CA ? B CA . ? A CA 201 ? 1_555 O   ? H HOH .  ? A HOH 297 ? 2_455  92.5  ? 
16  OP1 ? A DA  7  ? A DA  7   ? 1_555  CA ? C CA . ? A CA 202 ? 1_555 OP1 ? A DA  7  ? A DA  7   ? 2_445  85.6  ? 
17  OP1 ? A DA  7  ? A DA  7   ? 1_555  CA ? C CA . ? A CA 202 ? 1_555 OP1 ? A DA  7  ? A DA  7   ? 3_545  85.6  ? 
18  OP1 ? A DA  7  ? A DA  7   ? 2_445  CA ? C CA . ? A CA 202 ? 1_555 OP1 ? A DA  7  ? A DA  7   ? 3_545  85.6  ? 
19  OP1 ? A DA  7  ? A DA  7   ? 1_555  CA ? C CA . ? A CA 202 ? 1_555 O   ? H HOH .  ? A HOH 298 ? 1_555  98.1  ? 
20  OP1 ? A DA  7  ? A DA  7   ? 2_445  CA ? C CA . ? A CA 202 ? 1_555 O   ? H HOH .  ? A HOH 298 ? 1_555  174.3 ? 
21  OP1 ? A DA  7  ? A DA  7   ? 3_545  CA ? C CA . ? A CA 202 ? 1_555 O   ? H HOH .  ? A HOH 298 ? 1_555  90.3  ? 
22  OP1 ? A DA  7  ? A DA  7   ? 1_555  CA ? C CA . ? A CA 202 ? 1_555 O   ? H HOH .  ? A HOH 298 ? 2_445  90.3  ? 
23  OP1 ? A DA  7  ? A DA  7   ? 2_445  CA ? C CA . ? A CA 202 ? 1_555 O   ? H HOH .  ? A HOH 298 ? 2_445  98.1  ? 
24  OP1 ? A DA  7  ? A DA  7   ? 3_545  CA ? C CA . ? A CA 202 ? 1_555 O   ? H HOH .  ? A HOH 298 ? 2_445  174.3 ? 
25  O   ? H HOH .  ? A HOH 298 ? 1_555  CA ? C CA . ? A CA 202 ? 1_555 O   ? H HOH .  ? A HOH 298 ? 2_445  86.2  ? 
26  OP1 ? A DA  7  ? A DA  7   ? 1_555  CA ? C CA . ? A CA 202 ? 1_555 O   ? H HOH .  ? A HOH 298 ? 3_545  174.3 ? 
27  OP1 ? A DA  7  ? A DA  7   ? 2_445  CA ? C CA . ? A CA 202 ? 1_555 O   ? H HOH .  ? A HOH 298 ? 3_545  90.3  ? 
28  OP1 ? A DA  7  ? A DA  7   ? 3_545  CA ? C CA . ? A CA 202 ? 1_555 O   ? H HOH .  ? A HOH 298 ? 3_545  98.1  ? 
29  O   ? H HOH .  ? A HOH 298 ? 1_555  CA ? C CA . ? A CA 202 ? 1_555 O   ? H HOH .  ? A HOH 298 ? 3_545  86.2  ? 
30  O   ? H HOH .  ? A HOH 298 ? 2_445  CA ? C CA . ? A CA 202 ? 1_555 O   ? H HOH .  ? A HOH 298 ? 3_545  86.2  ? 
31  OP2 ? A DA  7  ? A DA  7   ? 1_555  CA ? D CA . ? A CA 203 ? 1_555 OP2 ? A DA  7  ? A DA  7   ? 2_445  94.9  ? 
32  OP2 ? A DA  7  ? A DA  7   ? 1_555  CA ? D CA . ? A CA 203 ? 1_555 OP2 ? A DA  7  ? A DA  7   ? 3_545  94.9  ? 
33  OP2 ? A DA  7  ? A DA  7   ? 2_445  CA ? D CA . ? A CA 203 ? 1_555 OP2 ? A DA  7  ? A DA  7   ? 3_545  94.9  ? 
34  OP2 ? A DA  7  ? A DA  7   ? 1_555  CA ? D CA . ? A CA 203 ? 1_555 O   ? H HOH .  ? A HOH 299 ? 1_555  85.5  ? 
35  OP2 ? A DA  7  ? A DA  7   ? 2_445  CA ? D CA . ? A CA 203 ? 1_555 O   ? H HOH .  ? A HOH 299 ? 1_555  175.4 ? 
36  OP2 ? A DA  7  ? A DA  7   ? 3_545  CA ? D CA . ? A CA 203 ? 1_555 O   ? H HOH .  ? A HOH 299 ? 1_555  89.7  ? 
37  OP2 ? A DA  7  ? A DA  7   ? 1_555  CA ? D CA . ? A CA 203 ? 1_555 O   ? H HOH .  ? A HOH 299 ? 2_445  89.6  ? 
38  OP2 ? A DA  7  ? A DA  7   ? 2_445  CA ? D CA . ? A CA 203 ? 1_555 O   ? H HOH .  ? A HOH 299 ? 2_445  85.5  ? 
39  OP2 ? A DA  7  ? A DA  7   ? 3_545  CA ? D CA . ? A CA 203 ? 1_555 O   ? H HOH .  ? A HOH 299 ? 2_445  175.4 ? 
40  O   ? H HOH .  ? A HOH 299 ? 1_555  CA ? D CA . ? A CA 203 ? 1_555 O   ? H HOH .  ? A HOH 299 ? 2_445  89.9  ? 
41  OP2 ? A DA  7  ? A DA  7   ? 1_555  CA ? D CA . ? A CA 203 ? 1_555 O   ? H HOH .  ? A HOH 299 ? 3_545  175.4 ? 
42  OP2 ? A DA  7  ? A DA  7   ? 2_445  CA ? D CA . ? A CA 203 ? 1_555 O   ? H HOH .  ? A HOH 299 ? 3_545  89.6  ? 
43  OP2 ? A DA  7  ? A DA  7   ? 3_545  CA ? D CA . ? A CA 203 ? 1_555 O   ? H HOH .  ? A HOH 299 ? 3_545  85.5  ? 
44  O   ? H HOH .  ? A HOH 299 ? 1_555  CA ? D CA . ? A CA 203 ? 1_555 O   ? H HOH .  ? A HOH 299 ? 3_545  89.9  ? 
45  O   ? H HOH .  ? A HOH 299 ? 2_445  CA ? D CA . ? A CA 203 ? 1_555 O   ? H HOH .  ? A HOH 299 ? 3_545  89.9  ? 
46  OP1 ? A DG  16 ? A DG  16  ? 1_555  CA ? F CA . ? A CA 205 ? 1_555 O   ? H HOH .  ? A HOH 301 ? 1_555  92.2  ? 
47  OP1 ? A DG  16 ? A DG  16  ? 1_555  CA ? F CA . ? A CA 205 ? 1_555 O   ? H HOH .  ? A HOH 302 ? 1_555  123.9 ? 
48  O   ? H HOH .  ? A HOH 301 ? 1_555  CA ? F CA . ? A CA 205 ? 1_555 O   ? H HOH .  ? A HOH 302 ? 1_555  76.5  ? 
49  OP1 ? A DG  16 ? A DG  16  ? 1_555  CA ? F CA . ? A CA 205 ? 1_555 O   ? H HOH .  ? A HOH 303 ? 1_555  90.0  ? 
50  O   ? H HOH .  ? A HOH 301 ? 1_555  CA ? F CA . ? A CA 205 ? 1_555 O   ? H HOH .  ? A HOH 303 ? 1_555  69.8  ? 
51  O   ? H HOH .  ? A HOH 302 ? 1_555  CA ? F CA . ? A CA 205 ? 1_555 O   ? H HOH .  ? A HOH 303 ? 1_555  132.8 ? 
52  OP1 ? A DG  16 ? A DG  16  ? 1_555  CA ? F CA . ? A CA 205 ? 1_555 O   ? H HOH .  ? A HOH 304 ? 1_555  154.9 ? 
53  O   ? H HOH .  ? A HOH 301 ? 1_555  CA ? F CA . ? A CA 205 ? 1_555 O   ? H HOH .  ? A HOH 304 ? 1_555  96.1  ? 
54  O   ? H HOH .  ? A HOH 302 ? 1_555  CA ? F CA . ? A CA 205 ? 1_555 O   ? H HOH .  ? A HOH 304 ? 1_555  81.1  ? 
55  O   ? H HOH .  ? A HOH 303 ? 1_555  CA ? F CA . ? A CA 205 ? 1_555 O   ? H HOH .  ? A HOH 304 ? 1_555  70.9  ? 
56  OP1 ? A DG  16 ? A DG  16  ? 1_555  CA ? F CA . ? A CA 205 ? 1_555 O   ? H HOH .  ? A HOH 305 ? 1_555  91.2  ? 
57  O   ? H HOH .  ? A HOH 301 ? 1_555  CA ? F CA . ? A CA 205 ? 1_555 O   ? H HOH .  ? A HOH 305 ? 1_555  166.1 ? 
58  O   ? H HOH .  ? A HOH 302 ? 1_555  CA ? F CA . ? A CA 205 ? 1_555 O   ? H HOH .  ? A HOH 305 ? 1_555  112.4 ? 
59  O   ? H HOH .  ? A HOH 303 ? 1_555  CA ? F CA . ? A CA 205 ? 1_555 O   ? H HOH .  ? A HOH 305 ? 1_555  96.8  ? 
60  O   ? H HOH .  ? A HOH 304 ? 1_555  CA ? F CA . ? A CA 205 ? 1_555 O   ? H HOH .  ? A HOH 305 ? 1_555  75.5  ? 
61  OP1 ? A DG  16 ? A DG  16  ? 1_555  CA ? F CA . ? A CA 205 ? 1_555 O   ? H HOH .  ? A HOH 306 ? 18_445 93.9  ? 
62  O   ? H HOH .  ? A HOH 301 ? 1_555  CA ? F CA . ? A CA 205 ? 1_555 O   ? H HOH .  ? A HOH 306 ? 18_445 133.5 ? 
63  O   ? H HOH .  ? A HOH 302 ? 1_555  CA ? F CA . ? A CA 205 ? 1_555 O   ? H HOH .  ? A HOH 306 ? 18_445 62.1  ? 
64  O   ? H HOH .  ? A HOH 303 ? 1_555  CA ? F CA . ? A CA 205 ? 1_555 O   ? H HOH .  ? A HOH 306 ? 18_445 156.1 ? 
65  O   ? H HOH .  ? A HOH 304 ? 1_555  CA ? F CA . ? A CA 205 ? 1_555 O   ? H HOH .  ? A HOH 306 ? 18_445 97.4  ? 
66  O   ? H HOH .  ? A HOH 305 ? 1_555  CA ? F CA . ? A CA 205 ? 1_555 O   ? H HOH .  ? A HOH 306 ? 18_445 59.6  ? 
67  OP1 ? A DC  17 ? A DC  17  ? 1_555  CA ? E CA . ? A CA 204 ? 1_555 OP1 ? A DC  17 ? A DC  17  ? 3_545  86.5  ? 
68  OP1 ? A DC  17 ? A DC  17  ? 1_555  CA ? E CA . ? A CA 204 ? 1_555 OP1 ? A DC  17 ? A DC  17  ? 2_445  86.5  ? 
69  OP1 ? A DC  17 ? A DC  17  ? 3_545  CA ? E CA . ? A CA 204 ? 1_555 OP1 ? A DC  17 ? A DC  17  ? 2_445  86.5  ? 
70  OP1 ? A DC  17 ? A DC  17  ? 1_555  CA ? E CA . ? A CA 204 ? 1_555 O   ? H HOH .  ? A HOH 300 ? 1_555  93.7  ? 
71  OP1 ? A DC  17 ? A DC  17  ? 3_545  CA ? E CA . ? A CA 204 ? 1_555 O   ? H HOH .  ? A HOH 300 ? 1_555  92.6  ? 
72  OP1 ? A DC  17 ? A DC  17  ? 2_445  CA ? E CA . ? A CA 204 ? 1_555 O   ? H HOH .  ? A HOH 300 ? 1_555  179.1 ? 
73  OP1 ? A DC  17 ? A DC  17  ? 1_555  CA ? E CA . ? A CA 204 ? 1_555 O   ? H HOH .  ? A HOH 300 ? 2_445  92.6  ? 
74  OP1 ? A DC  17 ? A DC  17  ? 3_545  CA ? E CA . ? A CA 204 ? 1_555 O   ? H HOH .  ? A HOH 300 ? 2_445  179.1 ? 
75  OP1 ? A DC  17 ? A DC  17  ? 2_445  CA ? E CA . ? A CA 204 ? 1_555 O   ? H HOH .  ? A HOH 300 ? 2_445  93.7  ? 
76  O   ? H HOH .  ? A HOH 300 ? 1_555  CA ? E CA . ? A CA 204 ? 1_555 O   ? H HOH .  ? A HOH 300 ? 2_445  87.2  ? 
77  OP1 ? A DC  17 ? A DC  17  ? 1_555  CA ? E CA . ? A CA 204 ? 1_555 O   ? H HOH .  ? A HOH 300 ? 3_545  179.1 ? 
78  OP1 ? A DC  17 ? A DC  17  ? 3_545  CA ? E CA . ? A CA 204 ? 1_555 O   ? H HOH .  ? A HOH 300 ? 3_545  93.7  ? 
79  OP1 ? A DC  17 ? A DC  17  ? 2_445  CA ? E CA . ? A CA 204 ? 1_555 O   ? H HOH .  ? A HOH 300 ? 3_545  92.6  ? 
80  O   ? H HOH .  ? A HOH 300 ? 1_555  CA ? E CA . ? A CA 204 ? 1_555 O   ? H HOH .  ? A HOH 300 ? 3_545  87.2  ? 
81  O   ? H HOH .  ? A HOH 300 ? 2_445  CA ? E CA . ? A CA 204 ? 1_555 O   ? H HOH .  ? A HOH 300 ? 3_545  87.2  ? 
82  O   ? H HOH .  ? A HOH 216 ? 18_445 CA ? G CA . ? A CA 206 ? 1_555 O   ? H HOH .  ? A HOH 307 ? 1_555  88.1  ? 
83  O   ? H HOH .  ? A HOH 216 ? 18_445 CA ? G CA . ? A CA 206 ? 1_555 O   ? H HOH .  ? A HOH 308 ? 1_555  133.4 ? 
84  O   ? H HOH .  ? A HOH 307 ? 1_555  CA ? G CA . ? A CA 206 ? 1_555 O   ? H HOH .  ? A HOH 308 ? 1_555  54.7  ? 
85  O   ? H HOH .  ? A HOH 216 ? 18_445 CA ? G CA . ? A CA 206 ? 1_555 O   ? H HOH .  ? A HOH 309 ? 1_555  138.5 ? 
86  O   ? H HOH .  ? A HOH 307 ? 1_555  CA ? G CA . ? A CA 206 ? 1_555 O   ? H HOH .  ? A HOH 309 ? 1_555  124.4 ? 
87  O   ? H HOH .  ? A HOH 308 ? 1_555  CA ? G CA . ? A CA 206 ? 1_555 O   ? H HOH .  ? A HOH 309 ? 1_555  88.1  ? 
88  O   ? H HOH .  ? A HOH 216 ? 18_445 CA ? G CA . ? A CA 206 ? 1_555 O   ? H HOH .  ? A HOH 310 ? 1_555  96.3  ? 
89  O   ? H HOH .  ? A HOH 307 ? 1_555  CA ? G CA . ? A CA 206 ? 1_555 O   ? H HOH .  ? A HOH 310 ? 1_555  84.1  ? 
90  O   ? H HOH .  ? A HOH 308 ? 1_555  CA ? G CA . ? A CA 206 ? 1_555 O   ? H HOH .  ? A HOH 310 ? 1_555  105.4 ? 
91  O   ? H HOH .  ? A HOH 309 ? 1_555  CA ? G CA . ? A CA 206 ? 1_555 O   ? H HOH .  ? A HOH 310 ? 1_555  66.2  ? 
92  O   ? H HOH .  ? A HOH 216 ? 18_445 CA ? G CA . ? A CA 206 ? 1_555 O   ? H HOH .  ? A HOH 311 ? 1_555  59.2  ? 
93  O   ? H HOH .  ? A HOH 307 ? 1_555  CA ? G CA . ? A CA 206 ? 1_555 O   ? H HOH .  ? A HOH 311 ? 1_555  80.0  ? 
94  O   ? H HOH .  ? A HOH 308 ? 1_555  CA ? G CA . ? A CA 206 ? 1_555 O   ? H HOH .  ? A HOH 311 ? 1_555  84.9  ? 
95  O   ? H HOH .  ? A HOH 309 ? 1_555  CA ? G CA . ? A CA 206 ? 1_555 O   ? H HOH .  ? A HOH 311 ? 1_555  142.5 ? 
96  O   ? H HOH .  ? A HOH 310 ? 1_555  CA ? G CA . ? A CA 206 ? 1_555 O   ? H HOH .  ? A HOH 311 ? 1_555  150.9 ? 
97  O   ? H HOH .  ? A HOH 216 ? 18_445 CA ? G CA . ? A CA 206 ? 1_555 O   ? H HOH .  ? A HOH 312 ? 1_555  45.2  ? 
98  O   ? H HOH .  ? A HOH 307 ? 1_555  CA ? G CA . ? A CA 206 ? 1_555 O   ? H HOH .  ? A HOH 312 ? 1_555  57.8  ? 
99  O   ? H HOH .  ? A HOH 308 ? 1_555  CA ? G CA . ? A CA 206 ? 1_555 O   ? H HOH .  ? A HOH 312 ? 1_555  112.4 ? 
100 O   ? H HOH .  ? A HOH 309 ? 1_555  CA ? G CA . ? A CA 206 ? 1_555 O   ? H HOH .  ? A HOH 312 ? 1_555  127.8 ? 
101 O   ? H HOH .  ? A HOH 310 ? 1_555  CA ? G CA . ? A CA 206 ? 1_555 O   ? H HOH .  ? A HOH 312 ? 1_555  62.2  ? 
102 O   ? H HOH .  ? A HOH 311 ? 1_555  CA ? G CA . ? A CA 206 ? 1_555 O   ? H HOH .  ? A HOH 312 ? 1_555  88.6  ? 
103 O   ? H HOH .  ? A HOH 216 ? 18_445 CA ? G CA . ? A CA 206 ? 1_555 O   ? H HOH .  ? A HOH 313 ? 1_555  58.9  ? 
104 O   ? H HOH .  ? A HOH 307 ? 1_555  CA ? G CA . ? A CA 206 ? 1_555 O   ? H HOH .  ? A HOH 313 ? 1_555  138.5 ? 
105 O   ? H HOH .  ? A HOH 308 ? 1_555  CA ? G CA . ? A CA 206 ? 1_555 O   ? H HOH .  ? A HOH 313 ? 1_555  166.3 ? 
106 O   ? H HOH .  ? A HOH 309 ? 1_555  CA ? G CA . ? A CA 206 ? 1_555 O   ? H HOH .  ? A HOH 313 ? 1_555  80.0  ? 
107 O   ? H HOH .  ? A HOH 310 ? 1_555  CA ? G CA . ? A CA 206 ? 1_555 O   ? H HOH .  ? A HOH 313 ? 1_555  76.1  ? 
108 O   ? H HOH .  ? A HOH 311 ? 1_555  CA ? G CA . ? A CA 206 ? 1_555 O   ? H HOH .  ? A HOH 313 ? 1_555  100.3 ? 
109 O   ? H HOH .  ? A HOH 312 ? 1_555  CA ? G CA . ? A CA 206 ? 1_555 O   ? H HOH .  ? A HOH 313 ? 1_555  80.7  ? 
# 
loop_
_pdbx_audit_revision_history.ordinal 
_pdbx_audit_revision_history.data_content_type 
_pdbx_audit_revision_history.major_revision 
_pdbx_audit_revision_history.minor_revision 
_pdbx_audit_revision_history.revision_date 
1 'Structure model' 1 0 2004-03-23 
2 'Structure model' 1 1 2008-04-29 
3 'Structure model' 1 2 2011-07-13 
4 'Structure model' 1 3 2011-11-16 
5 'Structure model' 1 4 2023-08-23 
# 
_pdbx_audit_revision_details.ordinal             1 
_pdbx_audit_revision_details.revision_ordinal    1 
_pdbx_audit_revision_details.data_content_type   'Structure model' 
_pdbx_audit_revision_details.provider            repository 
_pdbx_audit_revision_details.type                'Initial release' 
_pdbx_audit_revision_details.description         ? 
_pdbx_audit_revision_details.details             ? 
# 
loop_
_pdbx_audit_revision_group.ordinal 
_pdbx_audit_revision_group.revision_ordinal 
_pdbx_audit_revision_group.data_content_type 
_pdbx_audit_revision_group.group 
1 2 'Structure model' 'Version format compliance' 
2 3 'Structure model' 'Version format compliance' 
3 4 'Structure model' 'Atomic model'              
4 5 'Structure model' 'Data collection'           
5 5 'Structure model' 'Database references'       
6 5 'Structure model' 'Derived calculations'      
7 5 'Structure model' 'Refinement description'    
# 
loop_
_pdbx_audit_revision_category.ordinal 
_pdbx_audit_revision_category.revision_ordinal 
_pdbx_audit_revision_category.data_content_type 
_pdbx_audit_revision_category.category 
1 5 'Structure model' chem_comp_atom                
2 5 'Structure model' chem_comp_bond                
3 5 'Structure model' database_2                    
4 5 'Structure model' pdbx_initial_refinement_model 
5 5 'Structure model' pdbx_struct_conn_angle        
6 5 'Structure model' struct_conn                   
7 5 'Structure model' struct_site                   
# 
loop_
_pdbx_audit_revision_item.ordinal 
_pdbx_audit_revision_item.revision_ordinal 
_pdbx_audit_revision_item.data_content_type 
_pdbx_audit_revision_item.item 
1  5 'Structure model' '_database_2.pdbx_DOI'                        
2  5 'Structure model' '_database_2.pdbx_database_accession'         
3  5 'Structure model' '_pdbx_struct_conn_angle.ptnr1_auth_comp_id'  
4  5 'Structure model' '_pdbx_struct_conn_angle.ptnr1_auth_seq_id'   
5  5 'Structure model' '_pdbx_struct_conn_angle.ptnr1_label_asym_id' 
6  5 'Structure model' '_pdbx_struct_conn_angle.ptnr1_label_atom_id' 
7  5 'Structure model' '_pdbx_struct_conn_angle.ptnr1_label_comp_id' 
8  5 'Structure model' '_pdbx_struct_conn_angle.ptnr1_label_seq_id'  
9  5 'Structure model' '_pdbx_struct_conn_angle.ptnr1_symmetry'      
10 5 'Structure model' '_pdbx_struct_conn_angle.ptnr2_auth_seq_id'   
11 5 'Structure model' '_pdbx_struct_conn_angle.ptnr2_label_asym_id' 
12 5 'Structure model' '_pdbx_struct_conn_angle.ptnr3_auth_comp_id'  
13 5 'Structure model' '_pdbx_struct_conn_angle.ptnr3_auth_seq_id'   
14 5 'Structure model' '_pdbx_struct_conn_angle.ptnr3_label_asym_id' 
15 5 'Structure model' '_pdbx_struct_conn_angle.ptnr3_label_atom_id' 
16 5 'Structure model' '_pdbx_struct_conn_angle.ptnr3_label_comp_id' 
17 5 'Structure model' '_pdbx_struct_conn_angle.ptnr3_label_seq_id'  
18 5 'Structure model' '_pdbx_struct_conn_angle.ptnr3_symmetry'      
19 5 'Structure model' '_pdbx_struct_conn_angle.value'               
20 5 'Structure model' '_struct_conn.pdbx_dist_value'                
21 5 'Structure model' '_struct_conn.ptnr1_auth_comp_id'             
22 5 'Structure model' '_struct_conn.ptnr1_auth_seq_id'              
23 5 'Structure model' '_struct_conn.ptnr1_label_asym_id'            
24 5 'Structure model' '_struct_conn.ptnr1_label_atom_id'            
25 5 'Structure model' '_struct_conn.ptnr1_label_comp_id'            
26 5 'Structure model' '_struct_conn.ptnr1_label_seq_id'             
27 5 'Structure model' '_struct_conn.ptnr1_symmetry'                 
28 5 'Structure model' '_struct_conn.ptnr2_auth_comp_id'             
29 5 'Structure model' '_struct_conn.ptnr2_auth_seq_id'              
30 5 'Structure model' '_struct_conn.ptnr2_label_asym_id'            
31 5 'Structure model' '_struct_conn.ptnr2_label_atom_id'            
32 5 'Structure model' '_struct_conn.ptnr2_label_comp_id'            
33 5 'Structure model' '_struct_conn.ptnr2_label_seq_id'             
34 5 'Structure model' '_struct_conn.ptnr2_symmetry'                 
35 5 'Structure model' '_struct_site.pdbx_auth_asym_id'              
36 5 'Structure model' '_struct_site.pdbx_auth_comp_id'              
37 5 'Structure model' '_struct_site.pdbx_auth_seq_id'               
# 
loop_
_software.name 
_software.classification 
_software.version 
_software.citation_id 
_software.pdbx_ordinal 
CNS       refinement       1.1 ? 1 
HKL-2000  'data reduction' .   ? 2 
SCALEPACK 'data scaling'   .   ? 3 
CNS       phasing          .   ? 4 
# 
loop_
_pdbx_validate_planes.id 
_pdbx_validate_planes.PDB_model_num 
_pdbx_validate_planes.auth_comp_id 
_pdbx_validate_planes.auth_asym_id 
_pdbx_validate_planes.auth_seq_id 
_pdbx_validate_planes.PDB_ins_code 
_pdbx_validate_planes.label_alt_id 
_pdbx_validate_planes.rmsd 
_pdbx_validate_planes.type 
1 1 DG A 6  ? ? 0.058 'SIDE CHAIN' 
2 1 DA A 15 ? ? 0.064 'SIDE CHAIN' 
3 1 DC A 17 ? ? 0.066 'SIDE CHAIN' 
# 
loop_
_chem_comp_atom.comp_id 
_chem_comp_atom.atom_id 
_chem_comp_atom.type_symbol 
_chem_comp_atom.pdbx_aromatic_flag 
_chem_comp_atom.pdbx_stereo_config 
_chem_comp_atom.pdbx_ordinal 
CA  CA     CA N N 1   
DA  OP3    O  N N 2   
DA  P      P  N N 3   
DA  OP1    O  N N 4   
DA  OP2    O  N N 5   
DA  "O5'"  O  N N 6   
DA  "C5'"  C  N N 7   
DA  "C4'"  C  N R 8   
DA  "O4'"  O  N N 9   
DA  "C3'"  C  N S 10  
DA  "O3'"  O  N N 11  
DA  "C2'"  C  N N 12  
DA  "C1'"  C  N R 13  
DA  N9     N  Y N 14  
DA  C8     C  Y N 15  
DA  N7     N  Y N 16  
DA  C5     C  Y N 17  
DA  C6     C  Y N 18  
DA  N6     N  N N 19  
DA  N1     N  Y N 20  
DA  C2     C  Y N 21  
DA  N3     N  Y N 22  
DA  C4     C  Y N 23  
DA  HOP3   H  N N 24  
DA  HOP2   H  N N 25  
DA  "H5'"  H  N N 26  
DA  "H5''" H  N N 27  
DA  "H4'"  H  N N 28  
DA  "H3'"  H  N N 29  
DA  "HO3'" H  N N 30  
DA  "H2'"  H  N N 31  
DA  "H2''" H  N N 32  
DA  "H1'"  H  N N 33  
DA  H8     H  N N 34  
DA  H61    H  N N 35  
DA  H62    H  N N 36  
DA  H2     H  N N 37  
DC  OP3    O  N N 38  
DC  P      P  N N 39  
DC  OP1    O  N N 40  
DC  OP2    O  N N 41  
DC  "O5'"  O  N N 42  
DC  "C5'"  C  N N 43  
DC  "C4'"  C  N R 44  
DC  "O4'"  O  N N 45  
DC  "C3'"  C  N S 46  
DC  "O3'"  O  N N 47  
DC  "C2'"  C  N N 48  
DC  "C1'"  C  N R 49  
DC  N1     N  N N 50  
DC  C2     C  N N 51  
DC  O2     O  N N 52  
DC  N3     N  N N 53  
DC  C4     C  N N 54  
DC  N4     N  N N 55  
DC  C5     C  N N 56  
DC  C6     C  N N 57  
DC  HOP3   H  N N 58  
DC  HOP2   H  N N 59  
DC  "H5'"  H  N N 60  
DC  "H5''" H  N N 61  
DC  "H4'"  H  N N 62  
DC  "H3'"  H  N N 63  
DC  "HO3'" H  N N 64  
DC  "H2'"  H  N N 65  
DC  "H2''" H  N N 66  
DC  "H1'"  H  N N 67  
DC  H41    H  N N 68  
DC  H42    H  N N 69  
DC  H5     H  N N 70  
DC  H6     H  N N 71  
DG  OP3    O  N N 72  
DG  P      P  N N 73  
DG  OP1    O  N N 74  
DG  OP2    O  N N 75  
DG  "O5'"  O  N N 76  
DG  "C5'"  C  N N 77  
DG  "C4'"  C  N R 78  
DG  "O4'"  O  N N 79  
DG  "C3'"  C  N S 80  
DG  "O3'"  O  N N 81  
DG  "C2'"  C  N N 82  
DG  "C1'"  C  N R 83  
DG  N9     N  Y N 84  
DG  C8     C  Y N 85  
DG  N7     N  Y N 86  
DG  C5     C  Y N 87  
DG  C6     C  N N 88  
DG  O6     O  N N 89  
DG  N1     N  N N 90  
DG  C2     C  N N 91  
DG  N2     N  N N 92  
DG  N3     N  N N 93  
DG  C4     C  Y N 94  
DG  HOP3   H  N N 95  
DG  HOP2   H  N N 96  
DG  "H5'"  H  N N 97  
DG  "H5''" H  N N 98  
DG  "H4'"  H  N N 99  
DG  "H3'"  H  N N 100 
DG  "HO3'" H  N N 101 
DG  "H2'"  H  N N 102 
DG  "H2''" H  N N 103 
DG  "H1'"  H  N N 104 
DG  H8     H  N N 105 
DG  H1     H  N N 106 
DG  H21    H  N N 107 
DG  H22    H  N N 108 
DT  OP3    O  N N 109 
DT  P      P  N N 110 
DT  OP1    O  N N 111 
DT  OP2    O  N N 112 
DT  "O5'"  O  N N 113 
DT  "C5'"  C  N N 114 
DT  "C4'"  C  N R 115 
DT  "O4'"  O  N N 116 
DT  "C3'"  C  N S 117 
DT  "O3'"  O  N N 118 
DT  "C2'"  C  N N 119 
DT  "C1'"  C  N R 120 
DT  N1     N  N N 121 
DT  C2     C  N N 122 
DT  O2     O  N N 123 
DT  N3     N  N N 124 
DT  C4     C  N N 125 
DT  O4     O  N N 126 
DT  C5     C  N N 127 
DT  C7     C  N N 128 
DT  C6     C  N N 129 
DT  HOP3   H  N N 130 
DT  HOP2   H  N N 131 
DT  "H5'"  H  N N 132 
DT  "H5''" H  N N 133 
DT  "H4'"  H  N N 134 
DT  "H3'"  H  N N 135 
DT  "HO3'" H  N N 136 
DT  "H2'"  H  N N 137 
DT  "H2''" H  N N 138 
DT  "H1'"  H  N N 139 
DT  H3     H  N N 140 
DT  H71    H  N N 141 
DT  H72    H  N N 142 
DT  H73    H  N N 143 
DT  H6     H  N N 144 
HOH O      O  N N 145 
HOH H1     H  N N 146 
HOH H2     H  N N 147 
# 
loop_
_chem_comp_bond.comp_id 
_chem_comp_bond.atom_id_1 
_chem_comp_bond.atom_id_2 
_chem_comp_bond.value_order 
_chem_comp_bond.pdbx_aromatic_flag 
_chem_comp_bond.pdbx_stereo_config 
_chem_comp_bond.pdbx_ordinal 
DA  OP3   P      sing N N 1   
DA  OP3   HOP3   sing N N 2   
DA  P     OP1    doub N N 3   
DA  P     OP2    sing N N 4   
DA  P     "O5'"  sing N N 5   
DA  OP2   HOP2   sing N N 6   
DA  "O5'" "C5'"  sing N N 7   
DA  "C5'" "C4'"  sing N N 8   
DA  "C5'" "H5'"  sing N N 9   
DA  "C5'" "H5''" sing N N 10  
DA  "C4'" "O4'"  sing N N 11  
DA  "C4'" "C3'"  sing N N 12  
DA  "C4'" "H4'"  sing N N 13  
DA  "O4'" "C1'"  sing N N 14  
DA  "C3'" "O3'"  sing N N 15  
DA  "C3'" "C2'"  sing N N 16  
DA  "C3'" "H3'"  sing N N 17  
DA  "O3'" "HO3'" sing N N 18  
DA  "C2'" "C1'"  sing N N 19  
DA  "C2'" "H2'"  sing N N 20  
DA  "C2'" "H2''" sing N N 21  
DA  "C1'" N9     sing N N 22  
DA  "C1'" "H1'"  sing N N 23  
DA  N9    C8     sing Y N 24  
DA  N9    C4     sing Y N 25  
DA  C8    N7     doub Y N 26  
DA  C8    H8     sing N N 27  
DA  N7    C5     sing Y N 28  
DA  C5    C6     sing Y N 29  
DA  C5    C4     doub Y N 30  
DA  C6    N6     sing N N 31  
DA  C6    N1     doub Y N 32  
DA  N6    H61    sing N N 33  
DA  N6    H62    sing N N 34  
DA  N1    C2     sing Y N 35  
DA  C2    N3     doub Y N 36  
DA  C2    H2     sing N N 37  
DA  N3    C4     sing Y N 38  
DC  OP3   P      sing N N 39  
DC  OP3   HOP3   sing N N 40  
DC  P     OP1    doub N N 41  
DC  P     OP2    sing N N 42  
DC  P     "O5'"  sing N N 43  
DC  OP2   HOP2   sing N N 44  
DC  "O5'" "C5'"  sing N N 45  
DC  "C5'" "C4'"  sing N N 46  
DC  "C5'" "H5'"  sing N N 47  
DC  "C5'" "H5''" sing N N 48  
DC  "C4'" "O4'"  sing N N 49  
DC  "C4'" "C3'"  sing N N 50  
DC  "C4'" "H4'"  sing N N 51  
DC  "O4'" "C1'"  sing N N 52  
DC  "C3'" "O3'"  sing N N 53  
DC  "C3'" "C2'"  sing N N 54  
DC  "C3'" "H3'"  sing N N 55  
DC  "O3'" "HO3'" sing N N 56  
DC  "C2'" "C1'"  sing N N 57  
DC  "C2'" "H2'"  sing N N 58  
DC  "C2'" "H2''" sing N N 59  
DC  "C1'" N1     sing N N 60  
DC  "C1'" "H1'"  sing N N 61  
DC  N1    C2     sing N N 62  
DC  N1    C6     sing N N 63  
DC  C2    O2     doub N N 64  
DC  C2    N3     sing N N 65  
DC  N3    C4     doub N N 66  
DC  C4    N4     sing N N 67  
DC  C4    C5     sing N N 68  
DC  N4    H41    sing N N 69  
DC  N4    H42    sing N N 70  
DC  C5    C6     doub N N 71  
DC  C5    H5     sing N N 72  
DC  C6    H6     sing N N 73  
DG  OP3   P      sing N N 74  
DG  OP3   HOP3   sing N N 75  
DG  P     OP1    doub N N 76  
DG  P     OP2    sing N N 77  
DG  P     "O5'"  sing N N 78  
DG  OP2   HOP2   sing N N 79  
DG  "O5'" "C5'"  sing N N 80  
DG  "C5'" "C4'"  sing N N 81  
DG  "C5'" "H5'"  sing N N 82  
DG  "C5'" "H5''" sing N N 83  
DG  "C4'" "O4'"  sing N N 84  
DG  "C4'" "C3'"  sing N N 85  
DG  "C4'" "H4'"  sing N N 86  
DG  "O4'" "C1'"  sing N N 87  
DG  "C3'" "O3'"  sing N N 88  
DG  "C3'" "C2'"  sing N N 89  
DG  "C3'" "H3'"  sing N N 90  
DG  "O3'" "HO3'" sing N N 91  
DG  "C2'" "C1'"  sing N N 92  
DG  "C2'" "H2'"  sing N N 93  
DG  "C2'" "H2''" sing N N 94  
DG  "C1'" N9     sing N N 95  
DG  "C1'" "H1'"  sing N N 96  
DG  N9    C8     sing Y N 97  
DG  N9    C4     sing Y N 98  
DG  C8    N7     doub Y N 99  
DG  C8    H8     sing N N 100 
DG  N7    C5     sing Y N 101 
DG  C5    C6     sing N N 102 
DG  C5    C4     doub Y N 103 
DG  C6    O6     doub N N 104 
DG  C6    N1     sing N N 105 
DG  N1    C2     sing N N 106 
DG  N1    H1     sing N N 107 
DG  C2    N2     sing N N 108 
DG  C2    N3     doub N N 109 
DG  N2    H21    sing N N 110 
DG  N2    H22    sing N N 111 
DG  N3    C4     sing N N 112 
DT  OP3   P      sing N N 113 
DT  OP3   HOP3   sing N N 114 
DT  P     OP1    doub N N 115 
DT  P     OP2    sing N N 116 
DT  P     "O5'"  sing N N 117 
DT  OP2   HOP2   sing N N 118 
DT  "O5'" "C5'"  sing N N 119 
DT  "C5'" "C4'"  sing N N 120 
DT  "C5'" "H5'"  sing N N 121 
DT  "C5'" "H5''" sing N N 122 
DT  "C4'" "O4'"  sing N N 123 
DT  "C4'" "C3'"  sing N N 124 
DT  "C4'" "H4'"  sing N N 125 
DT  "O4'" "C1'"  sing N N 126 
DT  "C3'" "O3'"  sing N N 127 
DT  "C3'" "C2'"  sing N N 128 
DT  "C3'" "H3'"  sing N N 129 
DT  "O3'" "HO3'" sing N N 130 
DT  "C2'" "C1'"  sing N N 131 
DT  "C2'" "H2'"  sing N N 132 
DT  "C2'" "H2''" sing N N 133 
DT  "C1'" N1     sing N N 134 
DT  "C1'" "H1'"  sing N N 135 
DT  N1    C2     sing N N 136 
DT  N1    C6     sing N N 137 
DT  C2    O2     doub N N 138 
DT  C2    N3     sing N N 139 
DT  N3    C4     sing N N 140 
DT  N3    H3     sing N N 141 
DT  C4    O4     doub N N 142 
DT  C4    C5     sing N N 143 
DT  C5    C7     sing N N 144 
DT  C5    C6     doub N N 145 
DT  C7    H71    sing N N 146 
DT  C7    H72    sing N N 147 
DT  C7    H73    sing N N 148 
DT  C6    H6     sing N N 149 
HOH O     H1     sing N N 150 
HOH O     H2     sing N N 151 
# 
_ndb_struct_conf_na.entry_id   1SGS 
_ndb_struct_conf_na.feature    'b-form double helix' 
# 
loop_
_ndb_struct_na_base_pair.model_number 
_ndb_struct_na_base_pair.i_label_asym_id 
_ndb_struct_na_base_pair.i_label_comp_id 
_ndb_struct_na_base_pair.i_label_seq_id 
_ndb_struct_na_base_pair.i_symmetry 
_ndb_struct_na_base_pair.j_label_asym_id 
_ndb_struct_na_base_pair.j_label_comp_id 
_ndb_struct_na_base_pair.j_label_seq_id 
_ndb_struct_na_base_pair.j_symmetry 
_ndb_struct_na_base_pair.shear 
_ndb_struct_na_base_pair.stretch 
_ndb_struct_na_base_pair.stagger 
_ndb_struct_na_base_pair.buckle 
_ndb_struct_na_base_pair.propeller 
_ndb_struct_na_base_pair.opening 
_ndb_struct_na_base_pair.pair_number 
_ndb_struct_na_base_pair.pair_name 
_ndb_struct_na_base_pair.i_auth_asym_id 
_ndb_struct_na_base_pair.i_auth_seq_id 
_ndb_struct_na_base_pair.i_PDB_ins_code 
_ndb_struct_na_base_pair.j_auth_asym_id 
_ndb_struct_na_base_pair.j_auth_seq_id 
_ndb_struct_na_base_pair.j_PDB_ins_code 
_ndb_struct_na_base_pair.hbond_type_28 
_ndb_struct_na_base_pair.hbond_type_12 
1 A DG 2  1_555 A DC 17 17_435 -0.177 -0.097 -0.015 -0.221 -5.277  0.567  1  A_DG2:DC17_A A 2  ? A 17 ? 19 1 
1 A DC 3  1_555 A DG 16 17_435 0.126  -0.148 0.114  -0.482 -9.899  -2.190 2  A_DC3:DG16_A A 3  ? A 16 ? 19 1 
1 A DT 4  1_555 A DA 15 17_435 -0.022 -0.112 -0.015 0.195  -12.603 -1.344 3  A_DT4:DA15_A A 4  ? A 15 ? 20 1 
1 A DG 5  1_555 A DC 14 17_435 -0.235 -0.150 -0.176 -4.231 -1.031  -2.084 4  A_DG5:DC14_A A 5  ? A 14 ? 19 1 
1 A DG 6  1_555 A DC 13 17_435 -0.019 -0.029 -0.133 6.351  -5.762  1.370  5  A_DG6:DC13_A A 6  ? A 13 ? 19 1 
1 A DA 7  1_555 A DT 12 17_435 0.068  -0.150 -0.185 5.539  -16.841 1.790  6  A_DA7:DT12_A A 7  ? A 12 ? 20 1 
1 A DA 8  1_555 A DT 11 17_435 -0.048 -0.126 -0.071 5.845  -17.105 2.685  7  A_DA8:DT11_A A 8  ? A 11 ? 20 1 
1 A DA 9  1_555 A DT 10 17_435 -0.021 -0.063 0.067  0.436  -16.619 3.520  8  A_DA9:DT10_A A 9  ? A 10 ? 20 1 
1 A DT 10 1_555 A DA 9  17_435 0.021  -0.063 0.067  -0.436 -16.619 3.520  9  A_DT10:DA9_A A 10 ? A 9  ? 20 1 
1 A DT 11 1_555 A DA 8  17_435 0.048  -0.126 -0.071 -5.845 -17.105 2.685  10 A_DT11:DA8_A A 11 ? A 8  ? 20 1 
1 A DT 12 1_555 A DA 7  17_435 -0.068 -0.150 -0.185 -5.539 -16.841 1.790  11 A_DT12:DA7_A A 12 ? A 7  ? 20 1 
1 A DC 13 1_555 A DG 6  17_435 0.019  -0.029 -0.133 -6.351 -5.763  1.370  12 A_DC13:DG6_A A 13 ? A 6  ? 19 1 
1 A DC 14 1_555 A DG 5  17_435 0.235  -0.150 -0.176 4.231  -1.031  -2.084 13 A_DC14:DG5_A A 14 ? A 5  ? 19 1 
1 A DA 15 1_555 A DT 4  17_435 0.022  -0.112 -0.015 -0.195 -12.603 -1.344 14 A_DA15:DT4_A A 15 ? A 4  ? 20 1 
1 A DG 16 1_555 A DC 3  17_435 -0.126 -0.148 0.114  0.482  -9.899  -2.190 15 A_DG16:DC3_A A 16 ? A 3  ? 19 1 
1 A DC 17 1_555 A DG 2  17_435 0.177  -0.097 -0.015 0.221  -5.277  0.567  16 A_DC17:DG2_A A 17 ? A 2  ? 19 1 
# 
loop_
_ndb_struct_na_base_pair_step.model_number 
_ndb_struct_na_base_pair_step.i_label_asym_id_1 
_ndb_struct_na_base_pair_step.i_label_comp_id_1 
_ndb_struct_na_base_pair_step.i_label_seq_id_1 
_ndb_struct_na_base_pair_step.i_symmetry_1 
_ndb_struct_na_base_pair_step.j_label_asym_id_1 
_ndb_struct_na_base_pair_step.j_label_comp_id_1 
_ndb_struct_na_base_pair_step.j_label_seq_id_1 
_ndb_struct_na_base_pair_step.j_symmetry_1 
_ndb_struct_na_base_pair_step.i_label_asym_id_2 
_ndb_struct_na_base_pair_step.i_label_comp_id_2 
_ndb_struct_na_base_pair_step.i_label_seq_id_2 
_ndb_struct_na_base_pair_step.i_symmetry_2 
_ndb_struct_na_base_pair_step.j_label_asym_id_2 
_ndb_struct_na_base_pair_step.j_label_comp_id_2 
_ndb_struct_na_base_pair_step.j_label_seq_id_2 
_ndb_struct_na_base_pair_step.j_symmetry_2 
_ndb_struct_na_base_pair_step.shift 
_ndb_struct_na_base_pair_step.slide 
_ndb_struct_na_base_pair_step.rise 
_ndb_struct_na_base_pair_step.tilt 
_ndb_struct_na_base_pair_step.roll 
_ndb_struct_na_base_pair_step.twist 
_ndb_struct_na_base_pair_step.x_displacement 
_ndb_struct_na_base_pair_step.y_displacement 
_ndb_struct_na_base_pair_step.helical_rise 
_ndb_struct_na_base_pair_step.inclination 
_ndb_struct_na_base_pair_step.tip 
_ndb_struct_na_base_pair_step.helical_twist 
_ndb_struct_na_base_pair_step.step_number 
_ndb_struct_na_base_pair_step.step_name 
_ndb_struct_na_base_pair_step.i_auth_asym_id_1 
_ndb_struct_na_base_pair_step.i_auth_seq_id_1 
_ndb_struct_na_base_pair_step.i_PDB_ins_code_1 
_ndb_struct_na_base_pair_step.j_auth_asym_id_1 
_ndb_struct_na_base_pair_step.j_auth_seq_id_1 
_ndb_struct_na_base_pair_step.j_PDB_ins_code_1 
_ndb_struct_na_base_pair_step.i_auth_asym_id_2 
_ndb_struct_na_base_pair_step.i_auth_seq_id_2 
_ndb_struct_na_base_pair_step.i_PDB_ins_code_2 
_ndb_struct_na_base_pair_step.j_auth_asym_id_2 
_ndb_struct_na_base_pair_step.j_auth_seq_id_2 
_ndb_struct_na_base_pair_step.j_PDB_ins_code_2 
1 A DG 2  1_555 A DC 17 17_435 A DC 3  1_555 A DG 16 17_435 -0.772 -0.463 3.292 -1.723 2.696  31.703 -1.337 1.090  3.279 4.919  
3.143  31.860 1  AA_DG2DC3:DG16DC17_AA A 2  ? A 17 ? A 3  ? A 16 ? 
1 A DC 3  1_555 A DG 16 17_435 A DT 4  1_555 A DA 15 17_435 -0.583 -0.162 3.287 1.264  2.616  29.224 -0.881 1.422  3.233 5.168  
-2.498 29.365 2  AA_DC3DT4:DA15DG16_AA A 3  ? A 16 ? A 4  ? A 15 ? 
1 A DT 4  1_555 A DA 15 17_435 A DG 5  1_555 A DC 14 17_435 0.558  1.036  3.458 1.988  0.266  43.312 1.374  -0.551 3.485 0.360  
-2.691 43.356 3  AA_DT4DG5:DC14DA15_AA A 4  ? A 15 ? A 5  ? A 14 ? 
1 A DG 5  1_555 A DC 14 17_435 A DG 6  1_555 A DC 13 17_435 0.889  0.070  3.154 -1.134 5.882  21.347 -1.962 -2.725 3.013 15.490 
2.986  22.162 4  AA_DG5DG6:DC13DC14_AA A 5  ? A 14 ? A 6  ? A 13 ? 
1 A DG 6  1_555 A DC 13 17_435 A DA 7  1_555 A DT 12 17_435 -1.081 0.434  3.342 -1.418 -0.077 40.189 0.640  1.407  3.376 -0.112 
2.063  40.213 5  AA_DG6DA7:DT12DC13_AA A 6  ? A 13 ? A 7  ? A 12 ? 
1 A DA 7  1_555 A DT 12 17_435 A DA 8  1_555 A DT 11 17_435 0.413  -0.117 3.196 -0.209 -0.171 32.991 -0.177 -0.761 3.194 -0.302 
0.369  32.992 6  AA_DA7DA8:DT11DT12_AA A 7  ? A 12 ? A 8  ? A 11 ? 
1 A DA 8  1_555 A DT 11 17_435 A DA 9  1_555 A DT 10 17_435 -0.146 -0.120 3.278 -2.397 -1.082 39.316 -0.050 -0.069 3.283 -1.606 
3.558  39.401 7  AA_DA8DA9:DT10DT11_AA A 8  ? A 11 ? A 9  ? A 10 ? 
1 A DA 9  1_555 A DT 10 17_435 A DT 10 1_555 A DA 9  17_435 0.000  -0.620 3.252 0.000  -1.083 33.051 -0.908 0.000  3.270 -1.903 
0.000  33.068 8  AA_DA9DT10:DA9DT10_AA A 9  ? A 10 ? A 10 ? A 9  ? 
1 A DT 10 1_555 A DA 9  17_435 A DT 11 1_555 A DA 8  17_435 0.146  -0.120 3.278 2.397  -1.082 39.316 -0.050 0.069  3.283 -1.606 
-3.558 39.401 9  AA_DT10DT11:DA8DA9_AA A 10 ? A 9  ? A 11 ? A 8  ? 
1 A DT 11 1_555 A DA 8  17_435 A DT 12 1_555 A DA 7  17_435 -0.413 -0.117 3.196 0.209  -0.171 32.991 -0.177 0.761  3.194 -0.302 
-0.369 32.992 10 AA_DT11DT12:DA7DA8_AA A 11 ? A 8  ? A 12 ? A 7  ? 
1 A DT 12 1_555 A DA 7  17_435 A DC 13 1_555 A DG 6  17_435 1.081  0.434  3.342 1.418  -0.077 40.189 0.640  -1.407 3.376 -0.112 
-2.063 40.213 11 AA_DT12DC13:DG6DA7_AA A 12 ? A 7  ? A 13 ? A 6  ? 
1 A DC 13 1_555 A DG 6  17_435 A DC 14 1_555 A DG 5  17_435 -0.889 0.070  3.154 1.134  5.882  21.347 -1.962 2.725  3.013 15.490 
-2.986 22.162 12 AA_DC13DC14:DG5DG6_AA A 13 ? A 6  ? A 14 ? A 5  ? 
1 A DC 14 1_555 A DG 5  17_435 A DA 15 1_555 A DT 4  17_435 -0.558 1.036  3.458 -1.988 0.266  43.312 1.374  0.551  3.485 0.360  
2.691  43.356 13 AA_DC14DA15:DT4DG5_AA A 14 ? A 5  ? A 15 ? A 4  ? 
1 A DA 15 1_555 A DT 4  17_435 A DG 16 1_555 A DC 3  17_435 0.583  -0.162 3.287 -1.264 2.616  29.224 -0.881 -1.422 3.233 5.168  
2.498  29.365 14 AA_DA15DG16:DC3DT4_AA A 15 ? A 4  ? A 16 ? A 3  ? 
1 A DG 16 1_555 A DC 3  17_435 A DC 17 1_555 A DG 2  17_435 0.772  -0.463 3.292 1.723  2.696  31.703 -1.337 -1.090 3.279 4.919  
-3.143 31.860 15 AA_DG16DC17:DG2DC3_AA A 16 ? A 3  ? A 17 ? A 2  ? 
# 
loop_
_pdbx_entity_nonpoly.entity_id 
_pdbx_entity_nonpoly.name 
_pdbx_entity_nonpoly.comp_id 
2 'CALCIUM ION' CA  
3 water         HOH 
# 
_pdbx_initial_refinement_model.id               1 
_pdbx_initial_refinement_model.entity_id_list   ? 
_pdbx_initial_refinement_model.type             'experimental model' 
_pdbx_initial_refinement_model.source_name      PDB 
_pdbx_initial_refinement_model.accession_code   1RAM 
_pdbx_initial_refinement_model.details          'PDB entry 1RAM' 
# 
